data_7UQW
#
_entry.id   7UQW
#
_cell.length_a   76.463
_cell.length_b   132.947
_cell.length_c   164.092
_cell.angle_alpha   90.000
_cell.angle_beta   90.000
_cell.angle_gamma   90.000
#
_symmetry.space_group_name_H-M   'C 2 2 21'
#
loop_
_entity.id
_entity.type
_entity.pdbx_description
1 polymer Cyanophycinase
2 non-polymer '(2~{S})-4-[[(2~{S})-5-[[azanyl($l^{4}-azanylidene)methyl]amino]-1-$l^{1}-oxidanyl-1-oxidanylidene-pentan-2-yl]amino]-2-$l^{2}-azanyl-4-oxidanylidene-butanoic acid'
3 non-polymer 'SULFATE ION'
4 non-polymer FORMAMIDE
5 water water
#
_entity_poly.entity_id   1
_entity_poly.type   'polypeptide(L)'
_entity_poly.pdbx_seq_one_letter_code
;MPLSSQPAILIIGGAEDKVHGREILQTFWSRSGGNDAIIGIIPSASREPLLIGERYQTIFSDMGVKELKVLDIRDRAQGD
DSGYRLFVEQCTGIFMTGGDQLRLCGLLADTPLMDRIRQRVHNGEISLAGT(DPP)AGAAVMGHHMIAGGSSGEWPNRAL
VDMAVGLGIVPEIVVDQHFHNRNRMARLLSAISTHPELLGLGIDEDTCAMFERDGSVKVIGQGTVSFVDARDMSYTNAAL
VGANAPLSLHNLRLNILVHGEVYHQVKQRAFPRVENLYFQ
;
_entity_poly.pdbx_strand_id   A,B,C
#
loop_
_chem_comp.id
_chem_comp.type
_chem_comp.name
_chem_comp.formula
SO4 non-polymer 'SULFATE ION' 'O4 S -2'
#
# COMPACT_ATOMS: atom_id res chain seq x y z
N SER A 4 -22.26 18.13 26.68
CA SER A 4 -21.57 19.26 27.32
C SER A 4 -21.96 20.58 26.64
N SER A 5 -21.94 21.68 27.40
CA SER A 5 -22.27 23.05 26.94
C SER A 5 -21.14 24.01 27.33
N GLN A 6 -19.97 23.46 27.66
CA GLN A 6 -18.71 24.19 28.02
C GLN A 6 -18.22 24.94 26.79
N PRO A 7 -17.93 26.26 26.87
CA PRO A 7 -17.44 26.96 25.69
C PRO A 7 -16.17 26.29 25.13
N ALA A 8 -16.06 26.38 23.81
CA ALA A 8 -14.94 25.79 23.06
C ALA A 8 -14.65 26.63 21.82
N ILE A 9 -13.54 26.30 21.17
CA ILE A 9 -13.14 26.89 19.89
C ILE A 9 -13.23 25.77 18.86
N LEU A 10 -14.11 25.92 17.89
CA LEU A 10 -14.29 24.87 16.84
C LEU A 10 -13.63 25.37 15.58
N ILE A 11 -12.65 24.62 15.12
CA ILE A 11 -11.90 24.98 13.91
C ILE A 11 -12.32 23.98 12.84
N ILE A 12 -13.07 24.43 11.87
CA ILE A 12 -13.85 23.58 10.94
C ILE A 12 -13.22 23.65 9.56
N GLY A 13 -12.96 22.49 8.92
CA GLY A 13 -12.17 22.43 7.69
C GLY A 13 -12.94 22.80 6.42
N GLY A 14 -14.13 23.41 6.53
CA GLY A 14 -14.88 23.81 5.33
C GLY A 14 -15.88 22.76 4.88
N ALA A 15 -16.82 23.18 4.03
CA ALA A 15 -17.86 22.31 3.45
C ALA A 15 -18.53 21.43 4.51
N GLU A 16 -18.80 21.98 5.69
CA GLU A 16 -19.40 21.19 6.78
C GLU A 16 -20.87 20.89 6.44
N ASP A 17 -21.38 19.81 7.01
CA ASP A 17 -22.77 19.34 6.73
C ASP A 17 -23.75 20.43 7.18
N LYS A 18 -24.57 20.89 6.25
CA LYS A 18 -25.60 21.93 6.49
C LYS A 18 -27.00 21.32 6.27
N VAL A 19 -27.10 20.02 5.97
CA VAL A 19 -28.34 19.40 5.38
C VAL A 19 -28.81 18.20 6.24
N HIS A 20 -27.92 17.31 6.66
CA HIS A 20 -28.26 16.04 7.36
C HIS A 20 -28.22 16.27 8.87
N GLY A 21 -27.39 15.52 9.59
CA GLY A 21 -27.30 15.60 11.07
C GLY A 21 -26.69 16.90 11.53
N ARG A 22 -25.94 17.58 10.64
CA ARG A 22 -25.26 18.88 10.97
C ARG A 22 -24.50 18.71 12.28
N GLU A 23 -23.73 17.62 12.46
CA GLU A 23 -23.12 17.28 13.77
C GLU A 23 -22.20 18.44 14.23
N ILE A 24 -21.34 18.93 13.34
CA ILE A 24 -20.36 19.98 13.77
C ILE A 24 -21.14 21.24 14.17
N LEU A 25 -22.06 21.68 13.33
CA LEU A 25 -22.82 22.94 13.60
C LEU A 25 -23.69 22.78 14.87
N GLN A 26 -24.25 21.60 15.10
CA GLN A 26 -25.02 21.29 16.33
C GLN A 26 -24.10 21.34 17.55
N THR A 27 -22.82 20.94 17.42
CA THR A 27 -21.89 20.99 18.55
C THR A 27 -21.65 22.47 18.89
N PHE A 28 -21.40 23.31 17.89
CA PHE A 28 -21.22 24.76 18.16
C PHE A 28 -22.48 25.33 18.84
N TRP A 29 -23.64 25.00 18.31
CA TRP A 29 -24.95 25.40 18.91
C TRP A 29 -24.98 24.99 20.39
N SER A 30 -24.69 23.74 20.70
CA SER A 30 -24.74 23.21 22.08
C SER A 30 -23.73 23.96 22.98
N ARG A 31 -22.51 24.18 22.49
CA ARG A 31 -21.45 24.82 23.28
C ARG A 31 -21.73 26.33 23.42
N SER A 32 -22.67 26.86 22.67
CA SER A 32 -23.06 28.30 22.70
C SER A 32 -24.29 28.47 23.61
N GLY A 33 -24.81 27.38 24.18
CA GLY A 33 -25.94 27.45 25.14
C GLY A 33 -27.23 26.88 24.58
N GLY A 34 -27.20 26.25 23.41
CA GLY A 34 -28.38 25.65 22.77
C GLY A 34 -29.54 26.62 22.67
N ASN A 35 -30.69 26.27 23.26
CA ASN A 35 -31.92 27.11 23.19
C ASN A 35 -31.68 28.52 23.75
N ASP A 36 -30.69 28.67 24.62
CA ASP A 36 -30.37 29.95 25.30
C ASP A 36 -29.29 30.71 24.51
N ALA A 37 -28.81 30.18 23.36
CA ALA A 37 -27.67 30.77 22.65
C ALA A 37 -28.02 32.15 22.08
N ILE A 38 -27.05 33.05 22.16
CA ILE A 38 -27.06 34.35 21.47
C ILE A 38 -25.84 34.34 20.53
N ILE A 39 -26.09 34.16 19.25
CA ILE A 39 -24.99 33.84 18.29
C ILE A 39 -24.83 34.98 17.31
N GLY A 40 -23.59 35.46 17.17
CA GLY A 40 -23.21 36.40 16.14
C GLY A 40 -22.55 35.67 14.99
N ILE A 41 -22.89 36.05 13.78
CA ILE A 41 -22.35 35.45 12.53
C ILE A 41 -21.52 36.52 11.84
N ILE A 42 -20.24 36.25 11.57
CA ILE A 42 -19.34 37.19 10.86
C ILE A 42 -19.15 36.63 9.45
N PRO A 43 -19.81 37.20 8.42
CA PRO A 43 -19.65 36.73 7.04
C PRO A 43 -18.63 37.54 6.24
N SER A 44 -17.77 38.31 6.91
CA SER A 44 -16.82 39.27 6.30
C SER A 44 -15.87 38.59 5.32
N ALA A 45 -15.58 37.29 5.49
CA ALA A 45 -14.69 36.59 4.54
C ALA A 45 -15.29 36.56 3.13
N SER A 46 -16.62 36.63 3.02
CA SER A 46 -17.39 36.38 1.79
C SER A 46 -17.63 37.68 1.02
N ARG A 47 -17.63 37.62 -0.31
CA ARG A 47 -18.09 38.75 -1.16
C ARG A 47 -19.61 38.69 -1.35
N GLU A 48 -20.30 37.68 -0.79
CA GLU A 48 -21.78 37.58 -0.74
C GLU A 48 -22.21 37.48 0.72
N PRO A 49 -21.87 38.48 1.55
CA PRO A 49 -22.09 38.36 3.00
C PRO A 49 -23.55 38.18 3.37
N LEU A 50 -24.48 38.84 2.64
CA LEU A 50 -25.93 38.74 2.93
C LEU A 50 -26.38 37.28 2.79
N LEU A 51 -26.08 36.65 1.65
CA LEU A 51 -26.50 35.27 1.32
C LEU A 51 -25.88 34.30 2.34
N ILE A 52 -24.57 34.40 2.58
CA ILE A 52 -23.91 33.41 3.46
C ILE A 52 -24.36 33.66 4.91
N GLY A 53 -24.46 34.93 5.34
CA GLY A 53 -24.96 35.22 6.69
C GLY A 53 -26.36 34.67 6.89
N GLU A 54 -27.25 34.84 5.91
CA GLU A 54 -28.65 34.34 5.98
C GLU A 54 -28.67 32.82 6.04
N ARG A 55 -27.78 32.14 5.31
CA ARG A 55 -27.72 30.66 5.31
C ARG A 55 -27.51 30.15 6.74
N TYR A 56 -26.54 30.70 7.47
CA TYR A 56 -26.23 30.26 8.84
C TYR A 56 -27.30 30.75 9.81
N GLN A 57 -27.83 31.95 9.59
CA GLN A 57 -28.98 32.45 10.40
C GLN A 57 -30.12 31.42 10.34
N THR A 58 -30.44 30.90 9.16
CA THR A 58 -31.52 29.91 8.96
C THR A 58 -31.17 28.61 9.68
N ILE A 59 -29.93 28.13 9.54
CA ILE A 59 -29.55 26.87 10.22
C ILE A 59 -29.69 26.99 11.75
N PHE A 60 -29.12 28.05 12.35
CA PHE A 60 -29.09 28.19 13.84
C PHE A 60 -30.52 28.48 14.34
N SER A 61 -31.30 29.23 13.56
CA SER A 61 -32.72 29.53 13.90
C SER A 61 -33.52 28.23 13.94
N ASP A 62 -33.31 27.35 12.96
CA ASP A 62 -33.97 26.02 12.88
C ASP A 62 -33.59 25.17 14.10
N MET A 63 -32.34 25.22 14.56
CA MET A 63 -31.94 24.46 15.77
C MET A 63 -32.64 25.02 17.02
N GLY A 64 -32.92 26.32 17.03
CA GLY A 64 -33.59 27.01 18.16
C GLY A 64 -32.61 27.71 19.06
N VAL A 65 -32.56 29.04 18.97
CA VAL A 65 -31.66 29.86 19.83
C VAL A 65 -32.47 31.03 20.39
N LYS A 66 -31.88 31.80 21.29
CA LYS A 66 -32.53 32.98 21.90
C LYS A 66 -32.45 34.14 20.90
N GLU A 67 -31.28 34.38 20.31
CA GLU A 67 -31.09 35.54 19.40
C GLU A 67 -29.95 35.27 18.41
N LEU A 68 -30.09 35.82 17.21
CA LEU A 68 -29.06 35.80 16.15
C LEU A 68 -28.81 37.21 15.66
N LYS A 69 -27.59 37.51 15.29
CA LYS A 69 -27.25 38.78 14.59
C LYS A 69 -26.15 38.49 13.57
N VAL A 70 -26.33 38.97 12.36
CA VAL A 70 -25.23 38.98 11.36
C VAL A 70 -24.41 40.26 11.56
N LEU A 71 -23.15 40.10 11.96
CA LEU A 71 -22.19 41.22 12.14
C LEU A 71 -21.53 41.49 10.79
N ASP A 72 -22.23 42.22 9.92
CA ASP A 72 -21.84 42.42 8.50
C ASP A 72 -20.82 43.56 8.40
N ILE A 73 -19.57 43.32 8.77
CA ILE A 73 -18.44 44.27 8.65
C ILE A 73 -17.93 44.23 7.22
N ARG A 74 -17.99 45.38 6.52
CA ARG A 74 -17.54 45.54 5.13
C ARG A 74 -16.45 46.59 5.02
N ASP A 75 -16.15 47.32 6.11
CA ASP A 75 -15.00 48.25 6.15
C ASP A 75 -14.38 48.16 7.54
N ARG A 76 -13.07 48.28 7.64
CA ARG A 76 -12.32 48.10 8.90
C ARG A 76 -12.81 49.11 9.94
N ALA A 77 -13.22 50.31 9.51
CA ALA A 77 -13.74 51.37 10.41
C ALA A 77 -15.03 50.91 11.11
N GLN A 78 -15.79 49.98 10.54
CA GLN A 78 -17.07 49.51 11.15
C GLN A 78 -16.77 48.57 12.33
N GLY A 79 -15.52 48.16 12.52
CA GLY A 79 -15.10 47.46 13.75
C GLY A 79 -15.13 48.36 14.98
N ASP A 80 -15.38 49.67 14.78
CA ASP A 80 -15.59 50.64 15.87
C ASP A 80 -17.07 50.70 16.25
N ASP A 81 -17.99 50.11 15.48
CA ASP A 81 -19.46 50.36 15.57
C ASP A 81 -19.98 49.99 16.96
N SER A 82 -20.67 50.92 17.63
CA SER A 82 -21.29 50.68 18.96
C SER A 82 -22.29 49.52 18.95
N GLY A 83 -23.17 49.44 17.95
CA GLY A 83 -24.22 48.40 17.88
C GLY A 83 -23.61 47.00 17.87
N TYR A 84 -22.60 46.81 17.01
CA TYR A 84 -21.97 45.48 16.90
C TYR A 84 -21.21 45.16 18.20
N ARG A 85 -20.54 46.16 18.77
CA ARG A 85 -19.73 45.96 19.99
C ARG A 85 -20.67 45.62 21.16
N LEU A 86 -21.84 46.25 21.24
CA LEU A 86 -22.88 45.89 22.26
C LEU A 86 -23.26 44.42 22.07
N PHE A 87 -23.52 43.98 20.84
CA PHE A 87 -23.95 42.59 20.60
C PHE A 87 -22.85 41.65 21.11
N VAL A 88 -21.59 41.96 20.82
CA VAL A 88 -20.46 41.10 21.27
C VAL A 88 -20.44 41.00 22.79
N GLU A 89 -20.81 42.06 23.52
CA GLU A 89 -20.86 41.96 25.01
C GLU A 89 -22.00 41.03 25.45
N GLN A 90 -23.05 40.87 24.68
CA GLN A 90 -24.25 40.08 25.05
C GLN A 90 -24.16 38.62 24.57
N CYS A 91 -23.29 38.32 23.61
CA CYS A 91 -23.39 37.04 22.88
C CYS A 91 -22.85 35.87 23.71
N THR A 92 -23.14 34.66 23.27
CA THR A 92 -22.62 33.40 23.87
C THR A 92 -21.79 32.62 22.85
N GLY A 93 -21.84 33.00 21.57
CA GLY A 93 -21.03 32.34 20.53
C GLY A 93 -20.87 33.22 19.32
N ILE A 94 -19.75 33.07 18.63
CA ILE A 94 -19.48 33.78 17.36
C ILE A 94 -19.10 32.73 16.31
N PHE A 95 -19.67 32.84 15.13
CA PHE A 95 -19.45 31.92 13.99
C PHE A 95 -18.86 32.72 12.84
N MET A 96 -17.66 32.37 12.37
CA MET A 96 -17.01 33.04 11.23
C MET A 96 -17.13 32.15 9.98
N THR A 97 -17.84 32.64 8.98
CA THR A 97 -18.13 31.88 7.74
C THR A 97 -16.89 31.83 6.85
N GLY A 98 -17.01 31.01 5.81
CA GLY A 98 -16.01 30.90 4.75
C GLY A 98 -16.01 32.09 3.80
N GLY A 99 -15.10 32.02 2.86
CA GLY A 99 -14.80 33.09 1.89
C GLY A 99 -13.33 33.16 1.64
N ASP A 100 -12.72 34.30 1.93
CA ASP A 100 -11.28 34.56 1.73
C ASP A 100 -10.70 35.03 3.06
N GLN A 101 -9.71 34.30 3.58
CA GLN A 101 -9.13 34.58 4.92
C GLN A 101 -8.41 35.93 4.93
N LEU A 102 -7.73 36.34 3.84
CA LEU A 102 -7.09 37.69 3.85
C LEU A 102 -8.16 38.78 3.97
N ARG A 103 -9.31 38.62 3.33
CA ARG A 103 -10.40 39.62 3.41
C ARG A 103 -10.89 39.66 4.86
N LEU A 104 -11.10 38.50 5.48
CA LEU A 104 -11.64 38.44 6.86
C LEU A 104 -10.66 39.16 7.77
N CYS A 105 -9.39 38.87 7.71
CA CYS A 105 -8.36 39.49 8.58
CA CYS A 105 -8.39 39.50 8.58
C CYS A 105 -8.28 40.99 8.30
N GLY A 106 -8.34 41.36 7.02
CA GLY A 106 -8.25 42.78 6.61
C GLY A 106 -9.28 43.59 7.34
N LEU A 107 -10.47 43.01 7.44
CA LEU A 107 -11.66 43.73 7.94
C LEU A 107 -11.70 43.68 9.47
N LEU A 108 -11.26 42.58 10.08
CA LEU A 108 -11.50 42.35 11.53
C LEU A 108 -10.24 42.50 12.39
N ALA A 109 -9.03 42.21 11.91
CA ALA A 109 -7.86 42.10 12.80
C ALA A 109 -7.57 43.47 13.41
N ASP A 110 -7.27 43.51 14.71
CA ASP A 110 -6.90 44.77 15.42
C ASP A 110 -8.02 45.80 15.20
N THR A 111 -9.26 45.35 15.35
CA THR A 111 -10.45 46.20 15.51
C THR A 111 -10.91 46.04 16.95
N PRO A 112 -11.56 47.07 17.52
CA PRO A 112 -12.09 46.89 18.87
C PRO A 112 -13.06 45.71 18.98
N LEU A 113 -13.88 45.49 17.97
CA LEU A 113 -14.91 44.43 17.96
C LEU A 113 -14.19 43.07 18.07
N MET A 114 -13.18 42.81 17.24
CA MET A 114 -12.48 41.51 17.28
C MET A 114 -11.60 41.41 18.53
N ASP A 115 -11.06 42.50 19.04
CA ASP A 115 -10.28 42.43 20.29
C ASP A 115 -11.20 41.91 21.40
N ARG A 116 -12.44 42.38 21.43
CA ARG A 116 -13.36 41.97 22.50
C ARG A 116 -13.80 40.52 22.28
N ILE A 117 -14.03 40.12 21.04
CA ILE A 117 -14.37 38.69 20.79
C ILE A 117 -13.22 37.84 21.29
N ARG A 118 -12.00 38.15 20.87
CA ARG A 118 -10.81 37.36 21.27
C ARG A 118 -10.71 37.31 22.81
N GLN A 119 -10.93 38.44 23.48
CA GLN A 119 -10.83 38.49 24.96
C GLN A 119 -11.88 37.58 25.60
N ARG A 120 -13.12 37.65 25.13
CA ARG A 120 -14.24 36.88 25.69
C ARG A 120 -13.99 35.38 25.41
N VAL A 121 -13.37 35.07 24.27
CA VAL A 121 -13.01 33.65 24.00
C VAL A 121 -11.92 33.23 24.99
N HIS A 122 -10.85 34.01 25.12
CA HIS A 122 -9.71 33.65 26.00
C HIS A 122 -10.17 33.53 27.47
N ASN A 123 -11.15 34.34 27.87
CA ASN A 123 -11.69 34.29 29.26
C ASN A 123 -12.71 33.15 29.44
N GLY A 124 -13.03 32.39 28.38
CA GLY A 124 -13.95 31.23 28.49
C GLY A 124 -15.42 31.60 28.61
N GLU A 125 -15.81 32.78 28.14
CA GLU A 125 -17.17 33.32 28.27
C GLU A 125 -18.01 32.91 27.08
N ILE A 126 -17.40 32.78 25.89
CA ILE A 126 -18.16 32.51 24.65
C ILE A 126 -17.45 31.39 23.88
N SER A 127 -18.21 30.73 23.04
CA SER A 127 -17.65 29.80 22.03
C SER A 127 -17.31 30.57 20.75
N LEU A 128 -16.39 30.05 19.98
CA LEU A 128 -16.00 30.60 18.68
C LEU A 128 -15.88 29.44 17.72
N ALA A 129 -16.47 29.55 16.57
CA ALA A 129 -16.27 28.60 15.48
C ALA A 129 -15.87 29.38 14.24
N GLY A 130 -15.06 28.76 13.40
CA GLY A 130 -14.74 29.28 12.09
C GLY A 130 -14.64 28.13 11.12
N THR A 131 -15.17 28.28 9.94
CA THR A 131 -15.14 27.23 8.90
C THR A 131 -14.43 27.79 7.68
N DPP A 132 -13.59 26.98 7.08
CA DPP A 132 -12.89 27.35 5.85
C DPP A 132 -12.02 28.60 6.11
O DPP A 132 -11.11 28.54 6.93
CB DPP A 132 -13.91 27.44 4.71
NG DPP A 132 -13.29 27.44 3.40
N ALA A 133 -12.29 29.74 5.50
CA ALA A 133 -11.51 30.98 5.79
C ALA A 133 -11.59 31.31 7.28
N GLY A 134 -12.72 31.06 7.90
CA GLY A 134 -12.94 31.30 9.35
C GLY A 134 -12.05 30.41 10.19
N ALA A 135 -11.68 29.23 9.69
CA ALA A 135 -10.67 28.37 10.37
C ALA A 135 -9.25 28.90 10.14
N ALA A 136 -8.94 29.31 8.91
CA ALA A 136 -7.59 29.74 8.51
C ALA A 136 -7.08 30.90 9.38
N VAL A 137 -8.00 31.75 9.82
CA VAL A 137 -7.59 32.97 10.59
C VAL A 137 -7.32 32.63 12.05
N MET A 138 -7.50 31.40 12.52
CA MET A 138 -7.41 31.16 13.98
C MET A 138 -6.00 31.39 14.51
N GLY A 139 -4.92 31.05 13.79
CA GLY A 139 -3.56 31.22 14.33
C GLY A 139 -3.11 32.68 14.31
N HIS A 140 -1.96 32.94 14.92
CA HIS A 140 -1.25 34.23 14.70
C HIS A 140 -0.65 34.19 13.29
N HIS A 141 -0.02 33.08 12.91
CA HIS A 141 0.52 32.88 11.56
C HIS A 141 -0.57 32.13 10.78
N MET A 142 -0.84 32.58 9.56
CA MET A 142 -1.95 32.11 8.77
C MET A 142 -1.46 31.70 7.40
N ILE A 143 -1.99 30.59 6.87
CA ILE A 143 -1.84 30.21 5.44
C ILE A 143 -2.97 30.91 4.70
N ALA A 144 -2.59 31.87 3.86
CA ALA A 144 -3.51 32.72 3.08
C ALA A 144 -3.76 32.17 1.70
N GLY A 145 -2.95 31.21 1.25
CA GLY A 145 -3.02 30.69 -0.11
C GLY A 145 -1.89 29.74 -0.39
N GLY A 146 -1.87 29.16 -1.57
CA GLY A 146 -0.85 28.20 -1.94
C GLY A 146 -1.43 27.03 -2.69
N SER A 147 -0.61 26.44 -3.53
CA SER A 147 -1.04 25.41 -4.49
C SER A 147 -0.71 24.01 -3.93
N SER A 148 -1.06 23.03 -4.75
CA SER A 148 -0.67 21.62 -4.50
C SER A 148 0.16 21.17 -5.69
N GLY A 149 0.51 19.88 -5.71
CA GLY A 149 1.19 19.32 -6.88
C GLY A 149 2.66 19.69 -6.97
N GLU A 150 3.25 20.13 -5.85
CA GLU A 150 4.67 20.50 -5.77
C GLU A 150 5.26 19.91 -4.50
N TRP A 151 6.56 19.70 -4.51
CA TRP A 151 7.27 19.41 -3.26
C TRP A 151 7.24 20.67 -2.41
N PRO A 152 7.40 20.50 -1.09
CA PRO A 152 7.46 21.64 -0.20
C PRO A 152 8.57 22.63 -0.60
N ASN A 153 8.18 23.90 -0.63
CA ASN A 153 9.12 25.02 -0.92
C ASN A 153 8.46 26.28 -0.38
N ARG A 154 9.26 27.28 0.01
CA ARG A 154 8.63 28.44 0.68
C ARG A 154 7.70 29.18 -0.27
N ALA A 155 8.02 29.22 -1.57
CA ALA A 155 7.18 29.93 -2.56
C ALA A 155 5.81 29.28 -2.72
N LEU A 156 5.64 28.01 -2.28
CA LEU A 156 4.38 27.27 -2.45
C LEU A 156 3.28 27.88 -1.58
N VAL A 157 3.63 28.47 -0.45
CA VAL A 157 2.61 28.84 0.55
C VAL A 157 2.66 30.38 0.69
N ASP A 158 1.49 30.97 0.80
CA ASP A 158 1.36 32.43 1.05
C ASP A 158 1.10 32.58 2.56
N MET A 159 2.07 33.04 3.31
CA MET A 159 1.96 33.26 4.77
C MET A 159 1.50 34.68 5.04
N ALA A 160 0.72 34.81 6.07
CA ALA A 160 0.11 36.09 6.48
C ALA A 160 -0.18 36.04 7.97
N VAL A 161 -0.71 37.16 8.48
CA VAL A 161 -1.06 37.26 9.92
C VAL A 161 -2.56 36.98 10.04
N GLY A 162 -2.89 36.10 10.99
CA GLY A 162 -4.27 35.79 11.31
C GLY A 162 -4.80 36.58 12.49
N LEU A 163 -5.86 36.12 13.09
CA LEU A 163 -6.48 36.83 14.25
C LEU A 163 -5.86 36.42 15.58
N GLY A 164 -5.02 35.40 15.64
CA GLY A 164 -4.28 35.09 16.86
C GLY A 164 -5.17 34.58 17.98
N ILE A 165 -6.23 33.86 17.63
CA ILE A 165 -7.14 33.23 18.62
C ILE A 165 -6.40 32.11 19.32
N VAL A 166 -5.66 31.29 18.54
CA VAL A 166 -4.84 30.17 19.04
C VAL A 166 -3.43 30.40 18.51
N PRO A 167 -2.59 31.22 19.15
CA PRO A 167 -1.32 31.60 18.56
C PRO A 167 -0.30 30.47 18.36
N GLU A 168 -0.49 29.31 18.99
CA GLU A 168 0.56 28.25 18.95
C GLU A 168 0.32 27.30 17.79
N ILE A 169 -0.68 27.55 16.93
CA ILE A 169 -0.97 26.62 15.80
C ILE A 169 -0.94 27.38 14.48
N VAL A 170 -0.78 26.63 13.40
CA VAL A 170 -1.04 27.10 12.02
C VAL A 170 -2.08 26.16 11.42
N VAL A 171 -3.16 26.72 10.96
CA VAL A 171 -4.32 25.95 10.44
C VAL A 171 -4.23 25.85 8.93
N ASP A 172 -4.52 24.65 8.41
CA ASP A 172 -4.92 24.52 7.00
C ASP A 172 -6.26 23.80 6.94
N GLN A 173 -6.98 24.04 5.86
CA GLN A 173 -8.41 23.65 5.75
C GLN A 173 -8.68 23.07 4.35
N HIS A 174 -9.82 22.43 4.16
CA HIS A 174 -10.11 21.54 2.98
C HIS A 174 -8.90 20.62 2.75
N PHE A 175 -8.31 20.11 3.81
CA PHE A 175 -6.88 19.72 3.80
C PHE A 175 -6.57 18.58 2.83
N HIS A 176 -7.01 17.36 3.12
CA HIS A 176 -6.77 16.25 2.16
C HIS A 176 -7.59 16.44 0.90
N ASN A 177 -8.75 17.08 0.98
CA ASN A 177 -9.66 17.25 -0.17
C ASN A 177 -8.99 18.05 -1.27
N ARG A 178 -8.12 19.01 -0.92
CA ARG A 178 -7.39 19.86 -1.87
C ARG A 178 -5.90 19.61 -1.81
N ASN A 179 -5.48 18.46 -1.26
CA ASN A 179 -4.08 18.02 -1.29
C ASN A 179 -3.15 19.13 -0.77
N ARG A 180 -3.45 19.67 0.40
CA ARG A 180 -2.71 20.83 0.94
C ARG A 180 -1.57 20.43 1.88
N MET A 181 -1.16 19.16 1.95
CA MET A 181 -0.08 18.81 2.89
C MET A 181 1.21 19.56 2.54
N ALA A 182 1.60 19.67 1.27
CA ALA A 182 2.92 20.25 0.98
C ALA A 182 2.92 21.73 1.40
N ARG A 183 1.85 22.46 1.21
CA ARG A 183 1.86 23.89 1.62
C ARG A 183 1.89 23.97 3.14
N LEU A 184 1.22 23.08 3.87
CA LEU A 184 1.33 23.12 5.34
C LEU A 184 2.76 22.78 5.78
N LEU A 185 3.42 21.79 5.19
CA LEU A 185 4.82 21.46 5.53
C LEU A 185 5.71 22.67 5.21
N SER A 186 5.40 23.39 4.14
CA SER A 186 6.20 24.57 3.72
C SER A 186 6.06 25.65 4.80
N ALA A 187 4.87 25.82 5.34
CA ALA A 187 4.59 26.79 6.43
C ALA A 187 5.34 26.37 7.67
N ILE A 188 5.26 25.10 8.06
CA ILE A 188 5.91 24.61 9.31
C ILE A 188 7.44 24.77 9.24
N SER A 189 8.02 24.72 8.04
CA SER A 189 9.51 24.67 7.88
C SER A 189 10.17 25.86 8.54
N THR A 190 9.55 27.02 8.43
CA THR A 190 10.08 28.31 8.96
C THR A 190 9.26 28.82 10.15
N HIS A 191 8.23 28.08 10.58
CA HIS A 191 7.64 28.25 11.92
C HIS A 191 7.56 26.92 12.66
N PRO A 192 8.69 26.25 12.92
CA PRO A 192 8.66 24.90 13.48
C PRO A 192 8.18 24.86 14.95
N GLU A 193 8.08 26.03 15.60
CA GLU A 193 7.56 26.16 16.96
C GLU A 193 6.04 25.94 16.96
N LEU A 194 5.37 26.05 15.81
CA LEU A 194 3.89 26.04 15.73
C LEU A 194 3.45 24.60 15.38
N LEU A 195 2.44 24.13 16.06
CA LEU A 195 1.76 22.87 15.67
C LEU A 195 0.91 23.12 14.42
N GLY A 196 1.14 22.32 13.37
CA GLY A 196 0.31 22.39 12.16
C GLY A 196 -0.94 21.56 12.31
N LEU A 197 -2.09 22.10 11.95
CA LEU A 197 -3.36 21.35 11.96
C LEU A 197 -3.92 21.41 10.57
N GLY A 198 -3.94 20.27 9.90
CA GLY A 198 -4.55 20.17 8.58
C GLY A 198 -5.92 19.53 8.73
N ILE A 199 -6.98 20.30 8.51
CA ILE A 199 -8.36 19.86 8.84
C ILE A 199 -9.11 19.61 7.56
N ASP A 200 -9.62 18.39 7.41
CA ASP A 200 -10.40 18.03 6.23
C ASP A 200 -11.77 18.71 6.18
N GLU A 201 -12.37 18.67 5.00
CA GLU A 201 -13.78 19.07 4.85
C GLU A 201 -14.68 18.30 5.81
N ASP A 202 -15.67 18.99 6.36
CA ASP A 202 -16.72 18.43 7.26
C ASP A 202 -16.05 17.71 8.43
N THR A 203 -14.92 18.27 8.86
CA THR A 203 -14.22 17.78 10.04
C THR A 203 -13.88 19.00 10.91
N CYS A 204 -13.67 18.80 12.18
CA CYS A 204 -13.45 19.89 13.14
C CYS A 204 -12.44 19.47 14.17
N ALA A 205 -11.55 20.40 14.51
CA ALA A 205 -10.67 20.29 15.68
C ALA A 205 -11.30 21.19 16.74
N MET A 206 -11.81 20.61 17.81
CA MET A 206 -12.51 21.37 18.85
C MET A 206 -11.58 21.53 20.04
N PHE A 207 -11.11 22.76 20.25
CA PHE A 207 -10.18 23.11 21.35
C PHE A 207 -11.00 23.31 22.60
N GLU A 208 -10.75 22.47 23.59
CA GLU A 208 -11.39 22.56 24.92
C GLU A 208 -10.51 23.39 25.86
N ARG A 209 -11.16 23.87 26.93
CA ARG A 209 -10.48 24.78 27.91
C ARG A 209 -9.33 24.09 28.61
N ASP A 210 -9.35 22.75 28.73
CA ASP A 210 -8.25 22.01 29.42
C ASP A 210 -7.05 21.77 28.52
N GLY A 211 -7.06 22.20 27.25
CA GLY A 211 -5.89 22.01 26.38
C GLY A 211 -6.08 20.84 25.43
N SER A 212 -7.13 20.07 25.64
CA SER A 212 -7.39 18.90 24.76
C SER A 212 -8.01 19.39 23.46
N VAL A 213 -7.74 18.66 22.39
CA VAL A 213 -8.31 18.96 21.06
C VAL A 213 -9.09 17.71 20.63
N LYS A 214 -10.40 17.82 20.59
CA LYS A 214 -11.26 16.69 20.19
C LYS A 214 -11.52 16.79 18.69
N VAL A 215 -11.36 15.69 17.96
CA VAL A 215 -11.72 15.65 16.54
C VAL A 215 -13.17 15.19 16.38
N ILE A 216 -13.91 15.90 15.57
CA ILE A 216 -15.33 15.60 15.26
C ILE A 216 -15.52 15.62 13.77
N GLY A 217 -16.32 14.69 13.25
CA GLY A 217 -16.78 14.79 11.86
C GLY A 217 -16.31 13.67 10.97
N GLN A 218 -16.26 13.95 9.67
CA GLN A 218 -16.28 12.93 8.62
C GLN A 218 -14.89 12.45 8.28
N GLY A 219 -13.88 13.31 8.42
CA GLY A 219 -12.55 13.04 7.88
C GLY A 219 -11.50 12.98 8.96
N THR A 220 -10.37 13.60 8.65
CA THR A 220 -9.21 13.54 9.55
C THR A 220 -8.77 14.97 9.89
N VAL A 221 -8.04 15.04 11.00
CA VAL A 221 -7.18 16.19 11.34
C VAL A 221 -5.77 15.67 11.45
N SER A 222 -4.85 16.33 10.75
CA SER A 222 -3.43 15.99 10.71
C SER A 222 -2.70 16.97 11.63
N PHE A 223 -2.05 16.48 12.67
CA PHE A 223 -1.23 17.27 13.60
C PHE A 223 0.21 17.08 13.15
N VAL A 224 0.83 18.16 12.66
CA VAL A 224 2.18 18.13 12.08
C VAL A 224 3.11 18.86 13.02
N ASP A 225 3.99 18.11 13.67
CA ASP A 225 4.76 18.64 14.82
C ASP A 225 6.24 18.60 14.46
N ALA A 226 6.83 19.79 14.27
CA ALA A 226 8.26 19.94 13.99
C ALA A 226 8.98 20.49 15.22
N ARG A 227 8.38 20.44 16.39
CA ARG A 227 9.05 21.01 17.59
C ARG A 227 10.28 20.18 17.96
N ASP A 228 10.40 18.90 17.57
CA ASP A 228 11.62 18.06 17.82
C ASP A 228 12.40 17.85 16.50
N MET A 229 12.18 18.70 15.50
CA MET A 229 12.86 18.56 14.18
C MET A 229 14.37 18.62 14.43
N SER A 230 15.11 17.73 13.84
CA SER A 230 16.58 17.63 14.00
C SER A 230 17.28 18.51 12.99
N TYR A 231 16.65 18.82 11.86
CA TYR A 231 17.28 19.61 10.80
C TYR A 231 16.23 20.05 9.80
N THR A 232 16.40 21.26 9.28
CA THR A 232 15.78 21.69 8.02
C THR A 232 16.80 22.52 7.25
N ASN A 233 16.72 22.52 5.96
CA ASN A 233 17.56 23.37 5.09
C ASN A 233 16.91 24.75 4.91
N ALA A 234 15.80 25.04 5.56
CA ALA A 234 14.96 26.22 5.27
C ALA A 234 15.79 27.51 5.27
N ALA A 235 16.72 27.68 6.22
CA ALA A 235 17.53 28.91 6.35
C ALA A 235 18.53 29.04 5.22
N LEU A 236 18.87 27.98 4.52
CA LEU A 236 20.01 27.95 3.59
C LEU A 236 19.58 28.14 2.15
N VAL A 237 18.32 27.89 1.83
CA VAL A 237 17.92 27.71 0.41
C VAL A 237 16.99 28.84 0.02
N GLY A 238 16.90 29.01 -1.28
CA GLY A 238 15.99 29.98 -1.88
C GLY A 238 14.53 29.54 -1.78
N ALA A 239 13.64 30.43 -2.15
CA ALA A 239 12.19 30.24 -1.93
C ALA A 239 11.66 29.16 -2.86
N ASN A 240 12.29 28.88 -3.96
CA ASN A 240 11.77 27.91 -4.96
C ASN A 240 12.44 26.55 -4.79
N ALA A 241 13.35 26.40 -3.85
CA ALA A 241 14.12 25.17 -3.67
C ALA A 241 13.31 24.20 -2.79
N PRO A 242 13.55 22.89 -2.96
CA PRO A 242 12.85 21.94 -2.08
C PRO A 242 13.35 22.03 -0.66
N LEU A 243 12.42 21.88 0.27
CA LEU A 243 12.66 21.90 1.72
C LEU A 243 12.89 20.49 2.23
N SER A 244 13.84 20.37 3.13
CA SER A 244 13.98 19.14 3.94
C SER A 244 13.52 19.40 5.36
N LEU A 245 12.96 18.38 6.01
CA LEU A 245 12.39 18.51 7.37
C LEU A 245 12.62 17.16 8.02
N HIS A 246 13.56 17.09 8.94
CA HIS A 246 13.96 15.81 9.58
C HIS A 246 13.32 15.67 10.96
N ASN A 247 12.85 14.46 11.27
CA ASN A 247 12.28 14.10 12.59
C ASN A 247 11.00 14.86 12.87
N LEU A 248 10.07 14.87 11.93
CA LEU A 248 8.70 15.39 12.17
C LEU A 248 7.87 14.28 12.83
N ARG A 249 6.96 14.67 13.69
CA ARG A 249 5.96 13.76 14.26
C ARG A 249 4.61 14.07 13.60
N LEU A 250 3.92 13.05 13.12
CA LEU A 250 2.63 13.21 12.44
C LEU A 250 1.61 12.36 13.20
N ASN A 251 0.48 12.94 13.49
CA ASN A 251 -0.67 12.29 14.12
C ASN A 251 -1.90 12.58 13.27
N ILE A 252 -2.48 11.55 12.70
CA ILE A 252 -3.70 11.72 11.87
C ILE A 252 -4.84 11.14 12.68
N LEU A 253 -5.75 11.99 13.07
CA LEU A 253 -6.86 11.65 13.99
C LEU A 253 -8.19 11.67 13.23
N VAL A 254 -9.11 10.87 13.76
CA VAL A 254 -10.51 10.80 13.30
C VAL A 254 -11.48 11.13 14.45
N HIS A 255 -12.75 11.12 14.11
CA HIS A 255 -13.84 11.46 15.04
C HIS A 255 -13.69 10.69 16.35
N GLY A 256 -13.74 11.43 17.46
CA GLY A 256 -13.69 10.82 18.78
C GLY A 256 -12.30 10.77 19.39
N GLU A 257 -11.26 10.92 18.59
CA GLU A 257 -9.88 10.87 19.09
C GLU A 257 -9.50 12.26 19.63
N VAL A 258 -8.46 12.30 20.44
CA VAL A 258 -8.05 13.54 21.15
C VAL A 258 -6.57 13.74 21.03
N TYR A 259 -6.17 14.98 20.75
CA TYR A 259 -4.77 15.42 20.85
C TYR A 259 -4.64 16.26 22.10
N HIS A 260 -3.73 15.86 23.00
CA HIS A 260 -3.58 16.64 24.25
C HIS A 260 -2.41 17.59 24.06
N GLN A 261 -2.67 18.91 24.10
CA GLN A 261 -1.63 19.89 23.78
C GLN A 261 -0.53 19.91 24.85
N VAL A 262 -0.87 19.64 26.10
CA VAL A 262 0.17 19.68 27.18
C VAL A 262 1.08 18.45 27.01
N LYS A 263 0.48 17.28 26.83
CA LYS A 263 1.24 16.01 26.69
C LYS A 263 1.91 15.94 25.32
N GLN A 264 1.44 16.70 24.32
CA GLN A 264 1.96 16.67 22.93
C GLN A 264 1.82 15.25 22.40
N ARG A 265 0.66 14.65 22.64
CA ARG A 265 0.44 13.26 22.19
C ARG A 265 -1.04 13.05 21.88
N ALA A 266 -1.33 12.08 21.02
CA ALA A 266 -2.72 11.72 20.67
C ALA A 266 -3.18 10.48 21.43
N PHE A 267 -4.47 10.36 21.56
CA PHE A 267 -5.17 9.28 22.25
C PHE A 267 -6.34 8.80 21.42
N PRO A 268 -6.62 7.49 21.46
CA PRO A 268 -7.78 6.94 20.81
C PRO A 268 -9.14 7.25 21.49
N PRO B 7 28.09 -1.14 -6.01
CA PRO B 7 26.77 -1.35 -6.66
C PRO B 7 25.67 -0.81 -5.73
N ALA B 8 24.60 -0.36 -6.36
CA ALA B 8 23.49 0.25 -5.63
C ALA B 8 22.17 -0.02 -6.32
N ILE B 9 21.12 0.28 -5.60
CA ILE B 9 19.73 0.22 -6.09
C ILE B 9 19.19 1.63 -6.15
N LEU B 10 18.86 2.10 -7.35
CA LEU B 10 18.37 3.48 -7.55
C LEU B 10 16.86 3.39 -7.75
N ILE B 11 16.11 4.01 -6.88
CA ILE B 11 14.63 4.03 -6.95
C ILE B 11 14.25 5.44 -7.37
N ILE B 12 13.78 5.58 -8.60
CA ILE B 12 13.67 6.91 -9.26
C ILE B 12 12.18 7.27 -9.40
N GLY B 13 11.81 8.48 -9.03
CA GLY B 13 10.41 8.91 -8.90
C GLY B 13 9.73 9.24 -10.21
N GLY B 14 10.34 8.94 -11.35
CA GLY B 14 9.70 9.20 -12.64
C GLY B 14 10.11 10.53 -13.23
N ALA B 15 9.91 10.68 -14.55
CA ALA B 15 10.19 11.93 -15.31
C ALA B 15 11.59 12.44 -15.00
N GLU B 16 12.58 11.55 -14.91
CA GLU B 16 13.96 11.96 -14.58
C GLU B 16 14.56 12.71 -15.78
N ASP B 17 15.54 13.57 -15.49
CA ASP B 17 16.17 14.43 -16.53
C ASP B 17 16.88 13.55 -17.54
N LYS B 18 16.51 13.69 -18.81
CA LYS B 18 17.10 12.89 -19.91
C LYS B 18 17.85 13.84 -20.86
N VAL B 19 17.92 15.13 -20.56
CA VAL B 19 18.35 16.18 -21.54
C VAL B 19 19.56 16.98 -21.03
N HIS B 20 19.54 17.44 -19.77
CA HIS B 20 20.52 18.40 -19.18
C HIS B 20 21.66 17.61 -18.51
N GLY B 21 21.86 17.79 -17.20
CA GLY B 21 22.95 17.16 -16.44
C GLY B 21 22.70 15.65 -16.29
N ARG B 22 21.45 15.22 -16.40
CA ARG B 22 21.07 13.78 -16.24
C ARG B 22 21.73 13.20 -14.98
N GLU B 23 21.66 13.89 -13.85
CA GLU B 23 22.43 13.50 -12.67
C GLU B 23 22.06 12.06 -12.20
N ILE B 24 20.77 11.76 -12.13
CA ILE B 24 20.32 10.43 -11.63
C ILE B 24 20.79 9.34 -12.60
N LEU B 25 20.53 9.53 -13.90
CA LEU B 25 20.95 8.48 -14.88
C LEU B 25 22.47 8.36 -14.93
N GLN B 26 23.21 9.45 -14.80
CA GLN B 26 24.69 9.39 -14.74
C GLN B 26 25.16 8.62 -13.49
N THR B 27 24.43 8.70 -12.40
CA THR B 27 24.78 7.96 -11.17
C THR B 27 24.60 6.46 -11.43
N PHE B 28 23.48 6.06 -12.00
CA PHE B 28 23.26 4.65 -12.39
C PHE B 28 24.39 4.18 -13.32
N TRP B 29 24.69 4.98 -14.34
CA TRP B 29 25.81 4.69 -15.26
C TRP B 29 27.09 4.42 -14.46
N SER B 30 27.44 5.34 -13.56
CA SER B 30 28.68 5.22 -12.76
C SER B 30 28.67 3.95 -11.90
N ARG B 31 27.55 3.68 -11.22
CA ARG B 31 27.46 2.53 -10.30
C ARG B 31 27.41 1.22 -11.07
N SER B 32 27.15 1.27 -12.37
CA SER B 32 27.11 0.07 -13.23
C SER B 32 28.49 -0.18 -13.86
N GLY B 33 29.46 0.72 -13.63
CA GLY B 33 30.83 0.53 -14.15
C GLY B 33 31.20 1.55 -15.18
N GLY B 34 30.38 2.55 -15.45
CA GLY B 34 30.69 3.63 -16.39
C GLY B 34 31.06 3.09 -17.76
N ASN B 35 32.27 3.45 -18.26
CA ASN B 35 32.68 3.00 -19.61
C ASN B 35 32.73 1.48 -19.72
N ASP B 36 32.85 0.76 -18.60
CA ASP B 36 32.92 -0.72 -18.58
C ASP B 36 31.54 -1.35 -18.34
N ALA B 37 30.48 -0.54 -18.25
CA ALA B 37 29.14 -1.07 -17.88
C ALA B 37 28.57 -1.94 -18.98
N ILE B 38 27.85 -2.97 -18.54
CA ILE B 38 27.08 -3.89 -19.39
C ILE B 38 25.64 -3.77 -18.87
N ILE B 39 24.81 -3.04 -19.60
CA ILE B 39 23.50 -2.59 -19.03
C ILE B 39 22.38 -3.24 -19.82
N GLY B 40 21.46 -3.84 -19.12
CA GLY B 40 20.22 -4.33 -19.68
C GLY B 40 19.10 -3.35 -19.41
N ILE B 41 18.29 -3.08 -20.41
CA ILE B 41 17.11 -2.18 -20.30
C ILE B 41 15.86 -3.03 -20.40
N ILE B 42 15.01 -2.97 -19.40
CA ILE B 42 13.71 -3.72 -19.37
C ILE B 42 12.61 -2.71 -19.59
N PRO B 43 12.02 -2.65 -20.81
CA PRO B 43 10.94 -1.72 -21.09
C PRO B 43 9.55 -2.37 -20.96
N SER B 44 9.46 -3.48 -20.27
CA SER B 44 8.23 -4.31 -20.17
C SER B 44 7.06 -3.55 -19.58
N ALA B 45 7.28 -2.53 -18.74
CA ALA B 45 6.17 -1.78 -18.15
C ALA B 45 5.39 -1.05 -19.24
N SER B 46 6.03 -0.76 -20.36
CA SER B 46 5.53 0.20 -21.39
C SER B 46 4.78 -0.54 -22.48
N ARG B 47 3.71 0.08 -23.03
CA ARG B 47 3.07 -0.47 -24.27
C ARG B 47 3.81 0.01 -25.53
N GLU B 48 4.86 0.82 -25.40
CA GLU B 48 5.75 1.26 -26.50
C GLU B 48 7.17 0.84 -26.16
N PRO B 49 7.44 -0.48 -25.99
CA PRO B 49 8.74 -0.93 -25.50
C PRO B 49 9.88 -0.57 -26.45
N LEU B 50 9.64 -0.63 -27.76
CA LEU B 50 10.71 -0.32 -28.77
C LEU B 50 11.16 1.13 -28.59
N LEU B 51 10.21 2.08 -28.55
CA LEU B 51 10.52 3.53 -28.44
C LEU B 51 11.24 3.79 -27.10
N ILE B 52 10.70 3.26 -26.02
CA ILE B 52 11.30 3.60 -24.69
C ILE B 52 12.64 2.88 -24.54
N GLY B 53 12.77 1.65 -25.01
CA GLY B 53 14.06 0.95 -24.99
C GLY B 53 15.09 1.71 -25.80
N GLU B 54 14.73 2.25 -26.97
CA GLU B 54 15.65 3.04 -27.83
C GLU B 54 16.04 4.34 -27.12
N ARG B 55 15.11 4.96 -26.40
CA ARG B 55 15.40 6.23 -25.68
C ARG B 55 16.56 6.00 -24.69
N TYR B 56 16.50 4.94 -23.89
CA TYR B 56 17.55 4.69 -22.89
C TYR B 56 18.81 4.11 -23.55
N GLN B 57 18.66 3.34 -24.62
CA GLN B 57 19.85 2.92 -25.43
C GLN B 57 20.65 4.17 -25.86
N THR B 58 19.96 5.20 -26.35
CA THR B 58 20.57 6.47 -26.83
C THR B 58 21.25 7.17 -25.66
N ILE B 59 20.56 7.28 -24.51
CA ILE B 59 21.14 8.02 -23.38
C ILE B 59 22.41 7.33 -22.88
N PHE B 60 22.37 6.00 -22.67
CA PHE B 60 23.50 5.27 -22.08
C PHE B 60 24.63 5.18 -23.11
N SER B 61 24.33 5.09 -24.40
CA SER B 61 25.35 5.15 -25.48
C SER B 61 26.05 6.51 -25.49
N ASP B 62 25.31 7.59 -25.30
CA ASP B 62 25.88 8.95 -25.21
C ASP B 62 26.84 9.03 -24.01
N MET B 63 26.50 8.44 -22.86
CA MET B 63 27.41 8.48 -21.70
C MET B 63 28.65 7.60 -22.00
N GLY B 64 28.43 6.49 -22.70
CA GLY B 64 29.50 5.55 -23.09
C GLY B 64 29.61 4.35 -22.17
N VAL B 65 29.21 3.19 -22.65
CA VAL B 65 29.28 1.91 -21.91
C VAL B 65 29.92 0.85 -22.77
N LYS B 66 30.15 -0.32 -22.21
CA LYS B 66 30.79 -1.43 -22.96
C LYS B 66 29.73 -2.06 -23.85
N GLU B 67 28.53 -2.32 -23.31
CA GLU B 67 27.48 -3.08 -24.02
C GLU B 67 26.10 -2.71 -23.49
N LEU B 68 25.11 -2.70 -24.39
CA LEU B 68 23.69 -2.51 -24.02
C LEU B 68 22.90 -3.65 -24.62
N LYS B 69 21.82 -4.02 -23.95
CA LYS B 69 20.80 -4.94 -24.50
C LYS B 69 19.45 -4.47 -24.03
N VAL B 70 18.50 -4.38 -24.94
CA VAL B 70 17.08 -4.19 -24.54
C VAL B 70 16.48 -5.56 -24.34
N LEU B 71 16.09 -5.87 -23.11
CA LEU B 71 15.48 -7.14 -22.72
C LEU B 71 13.98 -6.97 -22.92
N ASP B 72 13.55 -7.10 -24.16
CA ASP B 72 12.19 -6.73 -24.61
C ASP B 72 11.25 -7.87 -24.28
N ILE B 73 10.93 -8.09 -23.01
CA ILE B 73 10.02 -9.18 -22.55
C ILE B 73 8.58 -8.72 -22.75
N ARG B 74 7.87 -9.41 -23.64
CA ARG B 74 6.47 -9.08 -24.01
C ARG B 74 5.55 -10.24 -23.68
N ASP B 75 6.11 -11.37 -23.25
CA ASP B 75 5.31 -12.50 -22.74
C ASP B 75 6.14 -13.20 -21.67
N ARG B 76 5.47 -13.80 -20.71
CA ARG B 76 6.14 -14.48 -19.57
C ARG B 76 7.05 -15.58 -20.10
N ALA B 77 6.80 -16.17 -21.29
CA ALA B 77 7.69 -17.21 -21.86
C ALA B 77 9.10 -16.65 -22.10
N GLN B 78 9.24 -15.34 -22.35
CA GLN B 78 10.58 -14.76 -22.58
C GLN B 78 11.36 -14.74 -21.27
N GLY B 79 10.68 -14.89 -20.13
CA GLY B 79 11.32 -15.04 -18.81
C GLY B 79 12.10 -16.33 -18.67
N ASP B 80 11.81 -17.30 -19.52
CA ASP B 80 12.55 -18.58 -19.60
C ASP B 80 13.64 -18.48 -20.65
N ASP B 81 13.69 -17.43 -21.47
CA ASP B 81 14.53 -17.37 -22.71
C ASP B 81 16.00 -17.47 -22.28
N SER B 82 16.73 -18.43 -22.85
CA SER B 82 18.17 -18.61 -22.49
C SER B 82 19.01 -17.39 -22.88
N GLY B 83 18.77 -16.72 -24.01
CA GLY B 83 19.58 -15.56 -24.43
C GLY B 83 19.46 -14.43 -23.43
N TYR B 84 18.25 -14.11 -22.99
CA TYR B 84 18.09 -13.00 -22.02
C TYR B 84 18.70 -13.40 -20.67
N ARG B 85 18.51 -14.64 -20.28
CA ARG B 85 19.04 -15.17 -19.00
C ARG B 85 20.57 -15.16 -19.06
N LEU B 86 21.18 -15.50 -20.16
CA LEU B 86 22.65 -15.41 -20.32
C LEU B 86 23.12 -13.96 -20.16
N PHE B 87 22.41 -13.02 -20.75
CA PHE B 87 22.80 -11.59 -20.65
C PHE B 87 22.79 -11.21 -19.17
N VAL B 88 21.74 -11.62 -18.44
CA VAL B 88 21.63 -11.28 -16.99
C VAL B 88 22.81 -11.82 -16.22
N GLU B 89 23.35 -13.00 -16.59
CA GLU B 89 24.56 -13.50 -15.90
C GLU B 89 25.79 -12.64 -16.19
N GLN B 90 25.82 -11.96 -17.32
CA GLN B 90 27.00 -11.20 -17.80
C GLN B 90 26.93 -9.71 -17.43
N CYS B 91 25.77 -9.21 -17.06
CA CYS B 91 25.57 -7.75 -16.99
C CYS B 91 26.16 -7.18 -15.70
N THR B 92 26.28 -5.86 -15.68
CA THR B 92 26.70 -5.11 -14.46
C THR B 92 25.58 -4.20 -13.95
N GLY B 93 24.51 -3.98 -14.70
CA GLY B 93 23.41 -3.09 -14.30
C GLY B 93 22.16 -3.42 -15.09
N ILE B 94 21.02 -3.24 -14.46
CA ILE B 94 19.69 -3.42 -15.07
C ILE B 94 18.87 -2.16 -14.82
N PHE B 95 18.21 -1.67 -15.87
CA PHE B 95 17.41 -0.43 -15.79
C PHE B 95 15.96 -0.80 -16.17
N MET B 96 14.99 -0.55 -15.28
CA MET B 96 13.57 -0.86 -15.55
C MET B 96 12.86 0.47 -15.82
N THR B 97 12.32 0.61 -17.00
CA THR B 97 11.66 1.86 -17.45
C THR B 97 10.27 1.99 -16.83
N GLY B 98 9.71 3.16 -17.07
CA GLY B 98 8.32 3.48 -16.74
C GLY B 98 7.32 2.79 -17.65
N GLY B 99 6.07 3.03 -17.30
CA GLY B 99 4.89 2.45 -17.96
C GLY B 99 3.87 2.10 -16.90
N ASP B 100 3.48 0.86 -16.76
CA ASP B 100 2.49 0.37 -15.79
C ASP B 100 3.09 -0.74 -14.93
N GLN B 101 3.12 -0.56 -13.61
CA GLN B 101 3.79 -1.48 -12.69
C GLN B 101 3.09 -2.85 -12.66
N LEU B 102 1.78 -2.91 -12.81
CA LEU B 102 1.12 -4.23 -12.87
C LEU B 102 1.54 -4.97 -14.15
N ARG B 103 1.68 -4.28 -15.26
CA ARG B 103 2.16 -4.91 -16.52
C ARG B 103 3.55 -5.49 -16.26
N LEU B 104 4.44 -4.67 -15.67
CA LEU B 104 5.84 -5.11 -15.47
C LEU B 104 5.87 -6.35 -14.58
N CYS B 105 5.14 -6.37 -13.47
CA CYS B 105 5.10 -7.52 -12.57
C CYS B 105 4.49 -8.74 -13.25
N GLY B 106 3.41 -8.53 -14.01
CA GLY B 106 2.74 -9.61 -14.74
C GLY B 106 3.71 -10.33 -15.64
N LEU B 107 4.63 -9.61 -16.24
CA LEU B 107 5.55 -10.19 -17.25
C LEU B 107 6.76 -10.81 -16.56
N LEU B 108 7.23 -10.23 -15.46
CA LEU B 108 8.57 -10.61 -14.93
C LEU B 108 8.49 -11.41 -13.64
N ALA B 109 7.46 -11.25 -12.78
CA ALA B 109 7.49 -11.85 -11.44
C ALA B 109 7.52 -13.37 -11.59
N ASP B 110 8.28 -14.01 -10.71
CA ASP B 110 8.35 -15.49 -10.59
C ASP B 110 8.74 -16.06 -11.96
N THR B 111 9.71 -15.43 -12.60
CA THR B 111 10.35 -15.98 -13.81
C THR B 111 11.79 -16.31 -13.46
N PRO B 112 12.40 -17.29 -14.14
CA PRO B 112 13.82 -17.53 -13.93
C PRO B 112 14.68 -16.28 -14.18
N LEU B 113 14.36 -15.50 -15.20
CA LEU B 113 15.14 -14.26 -15.53
C LEU B 113 15.10 -13.32 -14.33
N MET B 114 13.91 -13.00 -13.82
CA MET B 114 13.81 -12.05 -12.69
C MET B 114 14.37 -12.67 -11.40
N ASP B 115 14.23 -13.98 -11.18
CA ASP B 115 14.84 -14.61 -10.01
C ASP B 115 16.35 -14.33 -10.01
N ARG B 116 17.01 -14.42 -11.14
CA ARG B 116 18.45 -14.24 -11.19
C ARG B 116 18.80 -12.75 -11.10
N ILE B 117 18.00 -11.86 -11.71
CA ILE B 117 18.26 -10.41 -11.49
C ILE B 117 18.20 -10.13 -9.98
N ARG B 118 17.12 -10.57 -9.34
CA ARG B 118 16.93 -10.27 -7.91
C ARG B 118 18.12 -10.84 -7.11
N GLN B 119 18.54 -12.07 -7.41
CA GLN B 119 19.64 -12.73 -6.68
C GLN B 119 20.95 -11.95 -6.88
N ARG B 120 21.25 -11.57 -8.11
CA ARG B 120 22.51 -10.86 -8.39
C ARG B 120 22.47 -9.47 -7.74
N VAL B 121 21.32 -8.83 -7.68
CA VAL B 121 21.22 -7.55 -6.93
C VAL B 121 21.45 -7.82 -5.44
N HIS B 122 20.75 -8.82 -4.86
CA HIS B 122 20.86 -9.09 -3.41
C HIS B 122 22.29 -9.44 -3.03
N ASN B 123 23.00 -10.14 -3.90
CA ASN B 123 24.39 -10.60 -3.65
C ASN B 123 25.39 -9.44 -3.88
N GLY B 124 24.93 -8.26 -4.33
CA GLY B 124 25.80 -7.09 -4.53
C GLY B 124 26.66 -7.22 -5.77
N GLU B 125 26.20 -7.97 -6.78
CA GLU B 125 26.97 -8.23 -8.01
C GLU B 125 26.68 -7.16 -9.07
N ILE B 126 25.46 -6.65 -9.12
CA ILE B 126 25.03 -5.70 -10.18
C ILE B 126 24.29 -4.53 -9.52
N SER B 127 24.19 -3.42 -10.23
CA SER B 127 23.31 -2.30 -9.86
C SER B 127 21.95 -2.47 -10.51
N LEU B 128 20.95 -1.85 -9.91
CA LEU B 128 19.57 -1.88 -10.44
C LEU B 128 19.01 -0.50 -10.31
N ALA B 129 18.31 -0.06 -11.32
CA ALA B 129 17.58 1.21 -11.26
C ALA B 129 16.19 0.93 -11.79
N GLY B 130 15.21 1.62 -11.25
CA GLY B 130 13.86 1.60 -11.78
C GLY B 130 13.25 2.98 -11.68
N THR B 131 12.58 3.43 -12.70
CA THR B 131 11.95 4.76 -12.70
C THR B 131 10.45 4.61 -12.88
N DPP B 132 9.68 5.39 -12.15
CA DPP B 132 8.21 5.42 -12.30
C DPP B 132 7.67 4.01 -11.99
O DPP B 132 7.85 3.51 -10.87
CB DPP B 132 7.89 6.03 -13.65
NG DPP B 132 6.49 6.42 -13.73
N ALA B 133 7.08 3.30 -12.96
CA ALA B 133 6.63 1.91 -12.71
C ALA B 133 7.76 1.01 -12.25
N GLY B 134 8.95 1.26 -12.77
CA GLY B 134 10.15 0.50 -12.40
C GLY B 134 10.57 0.76 -10.96
N ALA B 135 10.21 1.89 -10.39
CA ALA B 135 10.40 2.15 -8.94
C ALA B 135 9.31 1.45 -8.11
N ALA B 136 8.07 1.53 -8.60
CA ALA B 136 6.93 0.98 -7.84
C ALA B 136 7.10 -0.49 -7.51
N VAL B 137 7.71 -1.23 -8.44
CA VAL B 137 7.85 -2.70 -8.26
C VAL B 137 8.96 -3.08 -7.27
N MET B 138 9.72 -2.12 -6.73
CA MET B 138 10.87 -2.52 -5.88
C MET B 138 10.46 -3.24 -4.59
N GLY B 139 9.35 -2.90 -3.94
CA GLY B 139 8.95 -3.54 -2.69
C GLY B 139 8.35 -4.94 -2.94
N HIS B 140 8.19 -5.68 -1.87
CA HIS B 140 7.30 -6.89 -1.91
C HIS B 140 5.86 -6.44 -2.03
N HIS B 141 5.46 -5.48 -1.23
CA HIS B 141 4.12 -4.85 -1.29
C HIS B 141 4.24 -3.62 -2.16
N MET B 142 3.34 -3.48 -3.13
CA MET B 142 3.47 -2.49 -4.16
C MET B 142 2.19 -1.65 -4.21
N ILE B 143 2.34 -0.34 -4.41
CA ILE B 143 1.21 0.52 -4.77
C ILE B 143 1.03 0.46 -6.27
N ALA B 144 -0.07 -0.13 -6.72
CA ALA B 144 -0.37 -0.34 -8.14
C ALA B 144 -1.22 0.79 -8.71
N GLY B 145 -1.81 1.63 -7.87
CA GLY B 145 -2.77 2.62 -8.30
C GLY B 145 -3.40 3.32 -7.09
N GLY B 146 -4.20 4.33 -7.40
CA GLY B 146 -4.88 5.12 -6.38
C GLY B 146 -4.87 6.58 -6.67
N SER B 147 -5.83 7.27 -6.05
CA SER B 147 -6.18 8.64 -6.39
C SER B 147 -5.64 9.57 -5.31
N SER B 148 -5.93 10.83 -5.48
CA SER B 148 -5.55 11.88 -4.51
C SER B 148 -6.83 12.59 -4.14
N GLY B 149 -6.75 13.64 -3.34
CA GLY B 149 -7.95 14.43 -3.03
C GLY B 149 -8.92 13.81 -2.04
N GLU B 150 -8.42 12.85 -1.28
CA GLU B 150 -9.21 12.14 -0.23
C GLU B 150 -8.38 12.02 1.03
N TRP B 151 -9.04 11.93 2.16
CA TRP B 151 -8.33 11.50 3.40
C TRP B 151 -7.92 10.04 3.23
N PRO B 152 -6.91 9.60 3.99
CA PRO B 152 -6.45 8.22 3.90
C PRO B 152 -7.59 7.25 4.24
N ASN B 153 -7.71 6.22 3.40
CA ASN B 153 -8.71 5.13 3.57
C ASN B 153 -8.17 3.97 2.72
N ARG B 154 -8.46 2.75 3.11
CA ARG B 154 -7.89 1.60 2.35
C ARG B 154 -8.33 1.61 0.90
N ALA B 155 -9.57 2.01 0.60
CA ALA B 155 -10.10 1.97 -0.78
C ALA B 155 -9.38 2.97 -1.69
N LEU B 156 -8.64 3.93 -1.11
CA LEU B 156 -7.90 4.92 -1.92
C LEU B 156 -6.75 4.28 -2.68
N VAL B 157 -6.17 3.20 -2.16
CA VAL B 157 -4.91 2.67 -2.72
C VAL B 157 -5.16 1.25 -3.22
N ASP B 158 -4.59 0.94 -4.37
CA ASP B 158 -4.64 -0.41 -4.98
C ASP B 158 -3.31 -1.09 -4.62
N MET B 159 -3.35 -2.05 -3.70
CA MET B 159 -2.17 -2.78 -3.24
C MET B 159 -2.01 -4.03 -4.07
N ALA B 160 -0.77 -4.35 -4.40
CA ALA B 160 -0.43 -5.53 -5.19
C ALA B 160 0.92 -6.06 -4.70
N VAL B 161 1.38 -7.12 -5.37
CA VAL B 161 2.69 -7.72 -5.08
C VAL B 161 3.66 -7.18 -6.12
N GLY B 162 4.80 -6.71 -5.61
CA GLY B 162 5.91 -6.22 -6.46
C GLY B 162 6.95 -7.28 -6.67
N LEU B 163 8.13 -6.87 -7.10
CA LEU B 163 9.23 -7.85 -7.35
C LEU B 163 10.08 -8.15 -6.10
N GLY B 164 9.91 -7.44 -4.98
CA GLY B 164 10.54 -7.84 -3.73
C GLY B 164 12.05 -7.63 -3.74
N ILE B 165 12.52 -6.62 -4.46
CA ILE B 165 13.96 -6.22 -4.48
C ILE B 165 14.36 -5.66 -3.10
N VAL B 166 13.50 -4.84 -2.53
CA VAL B 166 13.70 -4.19 -1.20
C VAL B 166 12.43 -4.50 -0.39
N PRO B 167 12.31 -5.71 0.17
CA PRO B 167 11.03 -6.11 0.78
C PRO B 167 10.60 -5.28 2.00
N GLU B 168 11.48 -4.50 2.62
CA GLU B 168 11.12 -3.80 3.88
C GLU B 168 10.54 -2.41 3.60
N ILE B 169 10.34 -2.05 2.33
CA ILE B 169 9.80 -0.70 1.98
C ILE B 169 8.54 -0.84 1.13
N VAL B 170 7.76 0.24 1.08
CA VAL B 170 6.71 0.43 0.08
C VAL B 170 7.02 1.75 -0.61
N VAL B 171 7.08 1.71 -1.92
CA VAL B 171 7.48 2.84 -2.76
C VAL B 171 6.25 3.54 -3.29
N ASP B 172 6.30 4.88 -3.32
CA ASP B 172 5.39 5.63 -4.20
C ASP B 172 6.25 6.60 -5.03
N GLN B 173 5.73 6.99 -6.17
CA GLN B 173 6.51 7.69 -7.20
C GLN B 173 5.67 8.85 -7.80
N HIS B 174 6.29 9.75 -8.55
CA HIS B 174 5.71 11.08 -8.93
C HIS B 174 5.02 11.72 -7.70
N PHE B 175 5.66 11.62 -6.55
CA PHE B 175 4.95 11.60 -5.25
C PHE B 175 4.26 12.94 -4.96
N HIS B 176 5.00 14.02 -4.71
CA HIS B 176 4.33 15.31 -4.45
C HIS B 176 3.72 15.86 -5.74
N ASN B 177 4.30 15.53 -6.90
CA ASN B 177 3.85 16.06 -8.18
C ASN B 177 2.41 15.65 -8.45
N ARG B 178 2.01 14.46 -8.00
CA ARG B 178 0.65 13.92 -8.20
C ARG B 178 -0.09 13.78 -6.86
N ASN B 179 0.38 14.46 -5.81
CA ASN B 179 -0.32 14.54 -4.51
C ASN B 179 -0.62 13.16 -3.98
N ARG B 180 0.36 12.29 -3.96
CA ARG B 180 0.15 10.86 -3.56
C ARG B 180 0.39 10.59 -2.08
N MET B 181 0.52 11.61 -1.22
CA MET B 181 0.74 11.29 0.20
C MET B 181 -0.41 10.46 0.79
N ALA B 182 -1.67 10.77 0.50
CA ALA B 182 -2.78 10.07 1.20
C ALA B 182 -2.76 8.57 0.78
N ARG B 183 -2.48 8.26 -0.47
CA ARG B 183 -2.49 6.83 -0.88
C ARG B 183 -1.32 6.13 -0.23
N LEU B 184 -0.16 6.79 -0.05
CA LEU B 184 0.97 6.13 0.64
C LEU B 184 0.64 5.91 2.10
N LEU B 185 0.01 6.89 2.78
CA LEU B 185 -0.40 6.68 4.18
C LEU B 185 -1.40 5.52 4.28
N SER B 186 -2.26 5.39 3.29
CA SER B 186 -3.28 4.31 3.24
C SER B 186 -2.56 2.97 3.11
N ALA B 187 -1.54 2.92 2.28
CA ALA B 187 -0.73 1.69 2.11
C ALA B 187 -0.03 1.33 3.42
N ILE B 188 0.60 2.31 4.06
CA ILE B 188 1.34 2.06 5.32
C ILE B 188 0.39 1.61 6.42
N SER B 189 -0.86 2.05 6.40
CA SER B 189 -1.87 1.61 7.39
CA SER B 189 -1.86 1.62 7.40
C SER B 189 -2.07 0.10 7.26
N THR B 190 -2.01 -0.43 6.05
CA THR B 190 -2.20 -1.87 5.73
C THR B 190 -0.95 -2.64 6.20
N HIS B 191 0.24 -2.03 6.11
CA HIS B 191 1.54 -2.69 6.33
C HIS B 191 2.48 -1.80 7.13
N PRO B 192 2.18 -1.52 8.41
CA PRO B 192 2.92 -0.51 9.17
C PRO B 192 4.34 -0.94 9.53
N GLU B 193 4.67 -2.21 9.25
CA GLU B 193 6.05 -2.71 9.43
C GLU B 193 6.95 -2.16 8.31
N LEU B 194 6.39 -1.65 7.21
CA LEU B 194 7.17 -1.25 6.01
C LEU B 194 7.45 0.24 6.09
N LEU B 195 8.68 0.61 5.81
CA LEU B 195 9.03 2.04 5.65
C LEU B 195 8.48 2.55 4.31
N GLY B 196 7.69 3.60 4.33
CA GLY B 196 7.16 4.21 3.12
C GLY B 196 8.18 5.17 2.55
N LEU B 197 8.38 5.13 1.24
CA LEU B 197 9.24 6.10 0.53
C LEU B 197 8.38 6.74 -0.53
N GLY B 198 8.12 8.04 -0.42
CA GLY B 198 7.43 8.78 -1.46
C GLY B 198 8.46 9.58 -2.23
N ILE B 199 8.67 9.25 -3.49
CA ILE B 199 9.78 9.80 -4.28
C ILE B 199 9.21 10.73 -5.32
N ASP B 200 9.66 11.97 -5.32
CA ASP B 200 9.22 12.98 -6.30
C ASP B 200 9.76 12.71 -7.71
N GLU B 201 9.14 13.35 -8.69
CA GLU B 201 9.70 13.37 -10.06
C GLU B 201 11.15 13.86 -10.05
N ASP B 202 11.99 13.25 -10.89
CA ASP B 202 13.40 13.63 -11.10
C ASP B 202 14.11 13.66 -9.76
N THR B 203 13.74 12.72 -8.89
CA THR B 203 14.41 12.49 -7.61
C THR B 203 14.64 10.98 -7.43
N CYS B 204 15.59 10.61 -6.63
CA CYS B 204 15.98 9.20 -6.48
C CYS B 204 16.37 8.93 -5.03
N ALA B 205 15.94 7.77 -4.53
CA ALA B 205 16.46 7.18 -3.29
C ALA B 205 17.44 6.09 -3.72
N MET B 206 18.72 6.27 -3.41
CA MET B 206 19.77 5.32 -3.82
C MET B 206 20.18 4.51 -2.60
N PHE B 207 19.82 3.25 -2.56
CA PHE B 207 20.10 2.29 -1.49
C PHE B 207 21.50 1.76 -1.64
N GLU B 208 22.35 1.99 -0.66
CA GLU B 208 23.76 1.54 -0.66
C GLU B 208 23.91 0.25 0.14
N ARG B 209 24.99 -0.50 -0.12
CA ARG B 209 25.21 -1.80 0.55
C ARG B 209 25.44 -1.62 2.05
N ASP B 210 25.87 -0.44 2.53
CA ASP B 210 26.03 -0.21 3.99
C ASP B 210 24.71 0.07 4.71
N GLY B 211 23.57 0.10 4.02
CA GLY B 211 22.26 0.37 4.64
C GLY B 211 21.85 1.83 4.56
N SER B 212 22.67 2.70 4.01
CA SER B 212 22.33 4.12 3.85
C SER B 212 21.48 4.27 2.59
N VAL B 213 20.66 5.29 2.60
CA VAL B 213 19.81 5.68 1.45
C VAL B 213 20.18 7.13 1.14
N LYS B 214 20.80 7.36 0.01
CA LYS B 214 21.21 8.71 -0.40
C LYS B 214 20.17 9.29 -1.32
N VAL B 215 19.77 10.52 -1.10
CA VAL B 215 18.78 11.19 -1.95
C VAL B 215 19.53 12.01 -3.01
N ILE B 216 19.11 11.86 -4.26
CA ILE B 216 19.72 12.58 -5.42
C ILE B 216 18.60 13.23 -6.20
N GLY B 217 18.82 14.43 -6.71
CA GLY B 217 17.92 14.99 -7.72
C GLY B 217 17.21 16.26 -7.30
N GLN B 218 16.10 16.54 -7.94
CA GLN B 218 15.49 17.87 -7.98
C GLN B 218 14.55 18.11 -6.80
N GLY B 219 13.91 17.06 -6.27
CA GLY B 219 12.82 17.26 -5.33
C GLY B 219 13.12 16.61 -4.01
N THR B 220 12.16 15.91 -3.47
CA THR B 220 12.26 15.32 -2.14
C THR B 220 11.98 13.81 -2.16
N VAL B 221 12.44 13.15 -1.13
CA VAL B 221 12.01 11.79 -0.75
C VAL B 221 11.40 11.90 0.64
N SER B 222 10.19 11.37 0.79
CA SER B 222 9.48 11.35 2.07
C SER B 222 9.57 9.96 2.66
N PHE B 223 10.20 9.81 3.82
CA PHE B 223 10.32 8.55 4.57
C PHE B 223 9.22 8.58 5.62
N VAL B 224 8.25 7.68 5.50
CA VAL B 224 7.05 7.65 6.35
C VAL B 224 7.09 6.38 7.18
N ASP B 225 7.33 6.54 8.46
CA ASP B 225 7.68 5.43 9.37
C ASP B 225 6.58 5.28 10.42
N ALA B 226 5.84 4.17 10.34
CA ALA B 226 4.78 3.80 11.29
C ALA B 226 5.26 2.65 12.20
N ARG B 227 6.55 2.36 12.22
CA ARG B 227 7.05 1.22 13.05
C ARG B 227 6.89 1.52 14.55
N ASP B 228 6.82 2.77 15.00
CA ASP B 228 6.57 3.17 16.42
C ASP B 228 5.16 3.77 16.59
N MET B 229 4.24 3.40 15.71
CA MET B 229 2.86 3.94 15.79
C MET B 229 2.28 3.56 17.17
N SER B 230 1.61 4.48 17.80
CA SER B 230 1.03 4.26 19.17
C SER B 230 -0.38 3.68 19.02
N TYR B 231 -1.06 3.93 17.90
CA TYR B 231 -2.47 3.53 17.74
C TYR B 231 -2.80 3.71 16.28
N THR B 232 -3.66 2.83 15.78
CA THR B 232 -4.38 3.06 14.50
C THR B 232 -5.76 2.45 14.67
N ASN B 233 -6.73 3.02 13.98
CA ASN B 233 -8.08 2.42 13.93
C ASN B 233 -8.15 1.38 12.80
N ALA B 234 -7.07 1.06 12.11
CA ALA B 234 -7.13 0.32 10.82
C ALA B 234 -7.85 -1.03 11.01
N ALA B 235 -7.64 -1.74 12.13
CA ALA B 235 -8.23 -3.08 12.36
C ALA B 235 -9.75 -2.99 12.59
N LEU B 236 -10.26 -1.82 12.95
CA LEU B 236 -11.62 -1.63 13.44
C LEU B 236 -12.55 -1.11 12.36
N VAL B 237 -12.03 -0.55 11.27
CA VAL B 237 -12.87 0.26 10.35
C VAL B 237 -12.89 -0.40 8.98
N GLY B 238 -13.91 -0.05 8.24
CA GLY B 238 -14.07 -0.48 6.85
C GLY B 238 -13.12 0.22 5.88
N ALA B 239 -13.13 -0.25 4.65
CA ALA B 239 -12.18 0.19 3.63
C ALA B 239 -12.46 1.62 3.20
N ASN B 240 -13.67 2.15 3.38
CA ASN B 240 -14.00 3.51 2.88
C ASN B 240 -13.98 4.51 4.04
N ALA B 241 -13.62 4.08 5.22
CA ALA B 241 -13.63 4.91 6.44
C ALA B 241 -12.28 5.64 6.54
N PRO B 242 -12.25 6.83 7.16
CA PRO B 242 -10.97 7.48 7.37
C PRO B 242 -10.12 6.72 8.40
N LEU B 243 -8.84 6.67 8.09
CA LEU B 243 -7.82 6.00 8.92
C LEU B 243 -7.19 7.00 9.87
N SER B 244 -6.98 6.55 11.10
CA SER B 244 -6.14 7.28 12.05
C SER B 244 -4.83 6.56 12.24
N LEU B 245 -3.77 7.33 12.40
CA LEU B 245 -2.38 6.81 12.44
C LEU B 245 -1.68 7.72 13.44
N HIS B 246 -1.41 7.22 14.65
CA HIS B 246 -0.83 8.07 15.72
C HIS B 246 0.67 7.77 15.87
N ASN B 247 1.45 8.84 16.05
CA ASN B 247 2.90 8.75 16.35
C ASN B 247 3.66 8.20 15.13
N LEU B 248 3.36 8.72 13.94
CA LEU B 248 4.18 8.48 12.74
C LEU B 248 5.43 9.36 12.80
N ARG B 249 6.52 8.87 12.25
CA ARG B 249 7.74 9.68 12.10
C ARG B 249 7.87 10.01 10.62
N LEU B 250 8.14 11.25 10.29
CA LEU B 250 8.26 11.70 8.90
C LEU B 250 9.62 12.37 8.73
N ASN B 251 10.33 11.97 7.71
CA ASN B 251 11.59 12.61 7.30
C ASN B 251 11.51 12.96 5.83
N ILE B 252 11.58 14.25 5.53
CA ILE B 252 11.56 14.73 4.13
C ILE B 252 12.97 15.16 3.77
N LEU B 253 13.57 14.50 2.79
CA LEU B 253 14.99 14.66 2.45
C LEU B 253 15.13 15.24 1.06
N VAL B 254 16.21 15.95 0.83
CA VAL B 254 16.59 16.53 -0.46
C VAL B 254 17.96 16.01 -0.87
N HIS B 255 18.38 16.43 -2.08
CA HIS B 255 19.68 16.03 -2.67
C HIS B 255 20.81 16.15 -1.68
N GLY B 256 21.54 15.07 -1.52
CA GLY B 256 22.74 15.01 -0.68
C GLY B 256 22.50 14.50 0.70
N GLU B 257 21.23 14.47 1.15
CA GLU B 257 20.90 14.00 2.49
C GLU B 257 20.83 12.47 2.52
N VAL B 258 20.90 11.89 3.68
CA VAL B 258 20.98 10.42 3.85
C VAL B 258 20.00 9.97 4.91
N TYR B 259 19.27 8.90 4.62
CA TYR B 259 18.50 8.17 5.63
C TYR B 259 19.24 6.89 5.92
N HIS B 260 19.59 6.66 7.17
CA HIS B 260 20.35 5.43 7.48
C HIS B 260 19.36 4.39 7.97
N GLN B 261 19.20 3.30 7.24
CA GLN B 261 18.20 2.26 7.60
C GLN B 261 18.52 1.59 8.94
N VAL B 262 19.77 1.42 9.27
CA VAL B 262 20.14 0.76 10.56
C VAL B 262 19.84 1.73 11.71
N LYS B 263 20.26 2.98 11.57
CA LYS B 263 20.06 4.00 12.64
C LYS B 263 18.60 4.46 12.68
N GLN B 264 17.82 4.26 11.60
CA GLN B 264 16.43 4.75 11.47
C GLN B 264 16.37 6.25 11.71
N ARG B 265 17.28 6.96 11.08
CA ARG B 265 17.34 8.44 11.22
C ARG B 265 17.98 9.08 9.99
N ALA B 266 17.64 10.33 9.76
CA ALA B 266 18.15 11.12 8.62
C ALA B 266 19.29 12.04 9.05
N PHE B 267 20.10 12.41 8.08
CA PHE B 267 21.32 13.23 8.27
C PHE B 267 21.38 14.25 7.14
N PRO B 268 21.75 15.50 7.46
CA PRO B 268 21.97 16.50 6.44
C PRO B 268 23.28 16.22 5.69
N ARG B 269 23.42 16.97 4.49
CA ARG B 269 24.66 16.69 3.67
C ARG B 269 25.91 17.06 4.50
N SER C 5 2.68 -30.55 -25.12
CA SER C 5 3.59 -31.34 -24.26
C SER C 5 4.44 -30.40 -23.39
N GLN C 6 4.02 -29.13 -23.26
CA GLN C 6 4.68 -28.06 -22.47
C GLN C 6 4.66 -28.47 -21.00
N PRO C 7 5.78 -28.40 -20.25
CA PRO C 7 5.71 -28.73 -18.83
C PRO C 7 4.73 -27.86 -18.06
N ALA C 8 4.09 -28.49 -17.10
CA ALA C 8 3.05 -27.84 -16.25
C ALA C 8 3.04 -28.43 -14.86
N ILE C 9 2.30 -27.81 -13.99
CA ILE C 9 2.09 -28.27 -12.59
C ILE C 9 0.62 -28.67 -12.51
N LEU C 10 0.36 -29.93 -12.21
CA LEU C 10 -1.06 -30.41 -12.11
C LEU C 10 -1.38 -30.65 -10.65
N ILE C 11 -2.34 -29.93 -10.14
CA ILE C 11 -2.78 -30.02 -8.73
C ILE C 11 -4.12 -30.73 -8.72
N ILE C 12 -4.13 -31.96 -8.24
CA ILE C 12 -5.26 -32.91 -8.46
C ILE C 12 -5.98 -33.12 -7.12
N GLY C 13 -7.32 -33.04 -7.11
CA GLY C 13 -8.11 -33.03 -5.87
C GLY C 13 -8.32 -34.39 -5.20
N GLY C 14 -7.64 -35.42 -5.65
CA GLY C 14 -7.80 -36.73 -5.03
C GLY C 14 -8.79 -37.63 -5.77
N ALA C 15 -8.71 -38.93 -5.50
CA ALA C 15 -9.62 -39.95 -6.07
C ALA C 15 -9.76 -39.78 -7.58
N GLU C 16 -8.68 -39.50 -8.30
CA GLU C 16 -8.72 -39.27 -9.74
C GLU C 16 -8.94 -40.61 -10.47
N ASP C 17 -9.53 -40.54 -11.64
CA ASP C 17 -9.91 -41.75 -12.43
C ASP C 17 -8.65 -42.53 -12.80
N LYS C 18 -8.60 -43.79 -12.38
CA LYS C 18 -7.46 -44.70 -12.63
C LYS C 18 -7.91 -45.84 -13.55
N VAL C 19 -9.18 -45.86 -13.98
CA VAL C 19 -9.82 -47.06 -14.58
C VAL C 19 -10.37 -46.78 -15.98
N HIS C 20 -11.07 -45.66 -16.18
CA HIS C 20 -11.80 -45.32 -17.44
C HIS C 20 -10.90 -44.51 -18.37
N GLY C 21 -11.26 -43.29 -18.73
CA GLY C 21 -10.49 -42.47 -19.68
C GLY C 21 -9.22 -41.94 -19.03
N ARG C 22 -9.16 -41.92 -17.69
CA ARG C 22 -7.95 -41.45 -16.96
C ARG C 22 -7.51 -40.10 -17.51
N GLU C 23 -8.43 -39.16 -17.71
CA GLU C 23 -8.14 -37.90 -18.42
C GLU C 23 -7.02 -37.12 -17.70
N ILE C 24 -7.12 -36.96 -16.39
CA ILE C 24 -6.11 -36.13 -15.67
C ILE C 24 -4.74 -36.82 -15.75
N LEU C 25 -4.71 -38.13 -15.48
CA LEU C 25 -3.43 -38.85 -15.51
C LEU C 25 -2.83 -38.86 -16.93
N GLN C 26 -3.66 -38.96 -17.97
CA GLN C 26 -3.20 -38.88 -19.36
C GLN C 26 -2.64 -37.48 -19.66
N THR C 27 -3.17 -36.43 -19.04
CA THR C 27 -2.68 -35.07 -19.27
C THR C 27 -1.28 -34.98 -18.67
N PHE C 28 -1.11 -35.47 -17.45
CA PHE C 28 0.25 -35.49 -16.84
C PHE C 28 1.24 -36.27 -17.73
N TRP C 29 0.81 -37.44 -18.19
CA TRP C 29 1.62 -38.26 -19.13
C TRP C 29 2.04 -37.41 -20.34
N SER C 30 1.08 -36.74 -20.98
CA SER C 30 1.34 -35.94 -22.20
C SER C 30 2.31 -34.79 -21.88
N ARG C 31 2.12 -34.10 -20.75
CA ARG C 31 2.95 -32.92 -20.40
C ARG C 31 4.31 -33.38 -19.90
N SER C 32 4.50 -34.68 -19.65
CA SER C 32 5.80 -35.27 -19.25
C SER C 32 6.51 -35.82 -20.49
N GLY C 33 5.91 -35.72 -21.67
CA GLY C 33 6.56 -36.14 -22.95
C GLY C 33 5.97 -37.40 -23.55
N GLY C 34 4.88 -37.91 -23.00
CA GLY C 34 4.16 -39.07 -23.55
C GLY C 34 5.05 -40.29 -23.66
N ASN C 35 5.18 -40.86 -24.86
CA ASN C 35 6.00 -42.08 -25.09
C ASN C 35 7.46 -41.84 -24.71
N ASP C 36 7.91 -40.58 -24.69
CA ASP C 36 9.30 -40.21 -24.35
C ASP C 36 9.41 -39.89 -22.85
N ALA C 37 8.35 -40.02 -22.06
CA ALA C 37 8.35 -39.55 -20.66
C ALA C 37 9.30 -40.43 -19.83
N ILE C 38 9.95 -39.78 -18.88
CA ILE C 38 10.74 -40.44 -17.81
C ILE C 38 10.12 -39.95 -16.50
N ILE C 39 9.28 -40.79 -15.90
CA ILE C 39 8.39 -40.37 -14.80
C ILE C 39 8.80 -41.00 -13.49
N GLY C 40 8.99 -40.17 -12.48
CA GLY C 40 9.22 -40.63 -11.12
C GLY C 40 7.94 -40.55 -10.31
N ILE C 41 7.67 -41.55 -9.51
CA ILE C 41 6.48 -41.59 -8.62
C ILE C 41 6.97 -41.52 -7.17
N ILE C 42 6.49 -40.54 -6.41
CA ILE C 42 6.84 -40.39 -4.97
C ILE C 42 5.62 -40.82 -4.16
N PRO C 43 5.62 -42.01 -3.54
CA PRO C 43 4.52 -42.49 -2.72
C PRO C 43 4.70 -42.24 -1.23
N SER C 44 5.61 -41.33 -0.85
CA SER C 44 6.01 -41.04 0.54
C SER C 44 4.85 -40.64 1.44
N ALA C 45 3.80 -40.03 0.89
CA ALA C 45 2.64 -39.60 1.71
C ALA C 45 1.95 -40.83 2.32
N SER C 46 2.10 -41.99 1.68
CA SER C 46 1.32 -43.21 1.98
C SER C 46 2.03 -44.10 2.99
N ARG C 47 1.30 -44.76 3.87
CA ARG C 47 1.85 -45.87 4.71
C ARG C 47 1.79 -47.21 3.96
N GLU C 48 1.28 -47.24 2.72
CA GLU C 48 1.31 -48.44 1.83
C GLU C 48 2.03 -48.09 0.53
N PRO C 49 3.29 -47.62 0.62
CA PRO C 49 3.94 -47.02 -0.55
C PRO C 49 4.14 -48.04 -1.66
N LEU C 50 4.39 -49.30 -1.33
CA LEU C 50 4.64 -50.35 -2.38
C LEU C 50 3.39 -50.47 -3.26
N LEU C 51 2.23 -50.68 -2.62
CA LEU C 51 0.93 -50.86 -3.32
C LEU C 51 0.63 -49.61 -4.16
N ILE C 52 0.71 -48.43 -3.55
CA ILE C 52 0.28 -47.20 -4.29
C ILE C 52 1.31 -46.88 -5.38
N GLY C 53 2.60 -47.05 -5.12
CA GLY C 53 3.62 -46.84 -6.15
C GLY C 53 3.40 -47.78 -7.33
N GLU C 54 3.11 -49.05 -7.07
CA GLU C 54 2.89 -50.08 -8.11
C GLU C 54 1.64 -49.73 -8.92
N ARG C 55 0.61 -49.20 -8.27
CA ARG C 55 -0.66 -48.85 -8.96
C ARG C 55 -0.35 -47.83 -10.06
N TYR C 56 0.35 -46.74 -9.72
CA TYR C 56 0.68 -45.70 -10.70
C TYR C 56 1.73 -46.17 -11.71
N GLN C 57 2.69 -47.00 -11.26
CA GLN C 57 3.66 -47.63 -12.20
C GLN C 57 2.90 -48.36 -13.31
N THR C 58 1.89 -49.16 -12.95
CA THR C 58 1.10 -49.95 -13.91
C THR C 58 0.33 -49.00 -14.84
N ILE C 59 -0.30 -47.95 -14.30
CA ILE C 59 -1.07 -47.02 -15.14
C ILE C 59 -0.16 -46.34 -16.18
N PHE C 60 0.97 -45.76 -15.78
CA PHE C 60 1.84 -44.98 -16.69
C PHE C 60 2.55 -45.93 -17.66
N SER C 61 2.88 -47.15 -17.21
CA SER C 61 3.50 -48.20 -18.06
C SER C 61 2.55 -48.55 -19.19
N ASP C 62 1.27 -48.73 -18.84
CA ASP C 62 0.19 -49.06 -19.83
C ASP C 62 0.04 -47.93 -20.84
N MET C 63 0.14 -46.67 -20.43
CA MET C 63 0.03 -45.53 -21.37
C MET C 63 1.21 -45.54 -22.34
N GLY C 64 2.38 -46.01 -21.88
CA GLY C 64 3.60 -46.11 -22.71
C GLY C 64 4.54 -44.97 -22.43
N VAL C 65 5.66 -45.27 -21.77
CA VAL C 65 6.67 -44.24 -21.43
C VAL C 65 8.07 -44.82 -21.70
N LYS C 66 9.08 -43.98 -21.60
CA LYS C 66 10.47 -44.40 -21.83
C LYS C 66 10.98 -45.07 -20.56
N GLU C 67 10.71 -44.48 -19.38
CA GLU C 67 11.20 -45.07 -18.11
C GLU C 67 10.30 -44.63 -16.95
N LEU C 68 10.19 -45.48 -15.95
CA LEU C 68 9.45 -45.22 -14.70
C LEU C 68 10.32 -45.62 -13.54
N LYS C 69 10.21 -44.90 -12.44
CA LYS C 69 10.84 -45.30 -11.19
C LYS C 69 9.96 -44.86 -10.02
N VAL C 70 9.75 -45.75 -9.08
CA VAL C 70 9.16 -45.39 -7.77
C VAL C 70 10.29 -44.90 -6.86
N LEU C 71 10.22 -43.63 -6.47
CA LEU C 71 11.20 -42.99 -5.55
C LEU C 71 10.66 -43.24 -4.13
N ASP C 72 10.89 -44.47 -3.64
CA ASP C 72 10.21 -45.02 -2.43
C ASP C 72 10.94 -44.53 -1.18
N ILE C 73 10.79 -43.26 -0.83
CA ILE C 73 11.45 -42.62 0.33
C ILE C 73 10.58 -42.84 1.54
N ARG C 74 11.06 -43.58 2.55
CA ARG C 74 10.25 -43.93 3.76
C ARG C 74 10.85 -43.31 5.03
N ASP C 75 12.06 -42.79 4.95
CA ASP C 75 12.80 -42.16 6.07
C ASP C 75 13.59 -41.02 5.43
N ARG C 76 13.88 -39.92 6.14
CA ARG C 76 14.52 -38.73 5.52
C ARG C 76 15.86 -39.13 4.87
N ALA C 77 16.59 -40.03 5.53
CA ALA C 77 17.89 -40.55 5.05
C ALA C 77 17.74 -41.29 3.73
N GLN C 78 16.57 -41.86 3.41
CA GLN C 78 16.39 -42.66 2.16
C GLN C 78 16.34 -41.72 0.94
N GLY C 79 16.21 -40.41 1.15
CA GLY C 79 16.36 -39.42 0.06
C GLY C 79 17.79 -39.33 -0.45
N ASP C 80 18.74 -39.74 0.40
CA ASP C 80 20.20 -39.80 0.13
C ASP C 80 20.50 -41.17 -0.51
N ASP C 81 20.20 -41.24 -1.80
CA ASP C 81 20.16 -42.46 -2.64
C ASP C 81 20.69 -42.11 -4.03
N SER C 82 21.73 -42.79 -4.49
CA SER C 82 22.42 -42.49 -5.76
C SER C 82 21.46 -42.60 -6.97
N GLY C 83 20.69 -43.71 -6.99
CA GLY C 83 19.79 -44.00 -8.10
C GLY C 83 18.73 -42.94 -8.17
N TYR C 84 18.20 -42.50 -7.05
CA TYR C 84 17.10 -41.49 -7.04
C TYR C 84 17.67 -40.15 -7.52
N ARG C 85 18.88 -39.77 -7.10
CA ARG C 85 19.51 -38.51 -7.56
C ARG C 85 19.69 -38.56 -9.07
N LEU C 86 20.23 -39.68 -9.58
CA LEU C 86 20.43 -39.80 -11.04
C LEU C 86 19.08 -39.66 -11.75
N PHE C 87 18.08 -40.35 -11.25
CA PHE C 87 16.77 -40.36 -11.92
C PHE C 87 16.21 -38.95 -11.98
N VAL C 88 16.30 -38.19 -10.90
CA VAL C 88 15.78 -36.79 -10.90
C VAL C 88 16.54 -35.94 -11.90
N GLU C 89 17.84 -36.18 -12.11
CA GLU C 89 18.57 -35.43 -13.17
C GLU C 89 18.04 -35.77 -14.58
N GLN C 90 17.54 -36.99 -14.77
CA GLN C 90 17.14 -37.50 -16.10
C GLN C 90 15.65 -37.26 -16.37
N CYS C 91 14.85 -37.04 -15.35
CA CYS C 91 13.40 -37.23 -15.48
C CYS C 91 12.75 -36.08 -16.26
N THR C 92 11.52 -36.33 -16.73
CA THR C 92 10.69 -35.33 -17.41
C THR C 92 9.43 -35.01 -16.60
N GLY C 93 9.12 -35.78 -15.57
CA GLY C 93 7.92 -35.57 -14.77
C GLY C 93 7.99 -36.30 -13.46
N ILE C 94 7.41 -35.72 -12.42
CA ILE C 94 7.33 -36.31 -11.07
C ILE C 94 5.87 -36.33 -10.63
N PHE C 95 5.41 -37.42 -10.05
CA PHE C 95 4.00 -37.62 -9.61
C PHE C 95 4.03 -37.92 -8.11
N MET C 96 3.39 -37.12 -7.29
CA MET C 96 3.29 -37.30 -5.84
C MET C 96 1.90 -37.88 -5.47
N THR C 97 1.89 -39.07 -4.92
CA THR C 97 0.64 -39.79 -4.61
C THR C 97 -0.01 -39.23 -3.37
N GLY C 98 -1.24 -39.70 -3.12
CA GLY C 98 -1.95 -39.37 -1.90
C GLY C 98 -1.46 -40.12 -0.67
N GLY C 99 -2.11 -39.84 0.44
CA GLY C 99 -1.73 -40.34 1.77
C GLY C 99 -1.95 -39.28 2.81
N ASP C 100 -0.91 -38.85 3.49
CA ASP C 100 -0.94 -37.80 4.51
C ASP C 100 0.08 -36.72 4.14
N GLN C 101 -0.38 -35.47 4.00
CA GLN C 101 0.48 -34.35 3.57
C GLN C 101 1.54 -34.03 4.61
N LEU C 102 1.26 -34.17 5.90
CA LEU C 102 2.32 -33.92 6.91
C LEU C 102 3.41 -34.99 6.77
N ARG C 103 3.05 -36.24 6.50
CA ARG C 103 4.06 -37.31 6.29
C ARG C 103 4.92 -36.94 5.08
N LEU C 104 4.31 -36.53 3.98
CA LEU C 104 5.03 -36.22 2.73
C LEU C 104 6.02 -35.09 2.98
N CYS C 105 5.59 -34.02 3.64
CA CYS C 105 6.48 -32.90 3.97
C CYS C 105 7.56 -33.32 4.94
N GLY C 106 7.21 -34.13 5.94
CA GLY C 106 8.16 -34.65 6.94
C GLY C 106 9.32 -35.31 6.25
N LEU C 107 9.04 -36.04 5.20
CA LEU C 107 10.05 -36.88 4.53
C LEU C 107 10.81 -36.09 3.49
N LEU C 108 10.20 -35.12 2.81
CA LEU C 108 10.81 -34.48 1.62
C LEU C 108 11.23 -33.02 1.85
N ALA C 109 10.63 -32.26 2.77
CA ALA C 109 10.96 -30.84 2.91
C ALA C 109 12.42 -30.66 3.33
N ASP C 110 13.06 -29.65 2.78
CA ASP C 110 14.45 -29.25 3.12
C ASP C 110 15.35 -30.46 2.89
N THR C 111 15.13 -31.21 1.82
CA THR C 111 16.07 -32.26 1.33
C THR C 111 16.65 -31.84 0.00
N PRO C 112 17.90 -32.23 -0.30
CA PRO C 112 18.46 -31.85 -1.59
C PRO C 112 17.67 -32.43 -2.78
N LEU C 113 17.08 -33.61 -2.64
CA LEU C 113 16.39 -34.25 -3.76
C LEU C 113 15.14 -33.43 -4.06
N MET C 114 14.37 -33.06 -3.03
CA MET C 114 13.18 -32.22 -3.27
C MET C 114 13.57 -30.81 -3.74
N ASP C 115 14.68 -30.25 -3.26
CA ASP C 115 15.12 -28.92 -3.74
C ASP C 115 15.42 -29.03 -5.23
N ARG C 116 15.97 -30.13 -5.72
CA ARG C 116 16.32 -30.25 -7.15
C ARG C 116 15.04 -30.45 -7.98
N ILE C 117 14.10 -31.24 -7.46
CA ILE C 117 12.79 -31.35 -8.17
C ILE C 117 12.17 -29.95 -8.28
N ARG C 118 12.12 -29.25 -7.17
CA ARG C 118 11.48 -27.90 -7.17
C ARG C 118 12.20 -26.98 -8.17
N GLN C 119 13.55 -27.02 -8.22
CA GLN C 119 14.34 -26.16 -9.13
C GLN C 119 13.97 -26.50 -10.59
N ARG C 120 13.92 -27.78 -10.90
CA ARG C 120 13.65 -28.21 -12.29
C ARG C 120 12.20 -27.84 -12.65
N VAL C 121 11.29 -27.89 -11.69
CA VAL C 121 9.93 -27.40 -11.98
C VAL C 121 9.95 -25.89 -12.22
N HIS C 122 10.56 -25.13 -11.32
CA HIS C 122 10.56 -23.66 -11.42
C HIS C 122 11.25 -23.19 -12.70
N ASN C 123 12.26 -23.93 -13.19
CA ASN C 123 13.01 -23.56 -14.40
C ASN C 123 12.26 -24.03 -15.65
N GLY C 124 11.11 -24.68 -15.51
CA GLY C 124 10.31 -25.10 -16.67
C GLY C 124 10.83 -26.36 -17.33
N GLU C 125 11.66 -27.16 -16.68
CA GLU C 125 12.30 -28.36 -17.28
C GLU C 125 11.41 -29.58 -17.21
N ILE C 126 10.64 -29.75 -16.12
CA ILE C 126 9.88 -30.99 -15.89
C ILE C 126 8.46 -30.63 -15.44
N SER C 127 7.55 -31.56 -15.64
CA SER C 127 6.18 -31.46 -15.10
C SER C 127 6.15 -32.02 -13.68
N LEU C 128 5.20 -31.54 -12.88
CA LEU C 128 4.97 -32.08 -11.55
C LEU C 128 3.47 -32.22 -11.37
N ALA C 129 3.05 -33.35 -10.85
CA ALA C 129 1.65 -33.54 -10.46
C ALA C 129 1.60 -34.01 -9.02
N GLY C 130 0.56 -33.65 -8.30
CA GLY C 130 0.29 -34.17 -6.97
C GLY C 130 -1.20 -34.36 -6.79
N THR C 131 -1.60 -35.48 -6.21
CA THR C 131 -3.03 -35.77 -5.96
C THR C 131 -3.26 -35.90 -4.48
N DPP C 132 -4.36 -35.36 -4.00
CA DPP C 132 -4.77 -35.50 -2.60
C DPP C 132 -3.68 -34.89 -1.71
O DPP C 132 -3.40 -33.69 -1.82
CB DPP C 132 -5.11 -36.97 -2.33
NG DPP C 132 -5.89 -37.16 -1.13
N ALA C 133 -2.99 -35.66 -0.85
CA ALA C 133 -1.88 -35.11 -0.06
C ALA C 133 -0.82 -34.48 -0.96
N GLY C 134 -0.58 -35.05 -2.14
CA GLY C 134 0.40 -34.51 -3.10
C GLY C 134 -0.02 -33.17 -3.65
N ALA C 135 -1.33 -32.87 -3.67
CA ALA C 135 -1.83 -31.52 -4.01
C ALA C 135 -1.66 -30.58 -2.82
N ALA C 136 -2.00 -31.05 -1.61
CA ALA C 136 -1.98 -30.20 -0.41
C ALA C 136 -0.61 -29.55 -0.20
N VAL C 137 0.45 -30.26 -0.55
CA VAL C 137 1.83 -29.78 -0.27
C VAL C 137 2.27 -28.74 -1.31
N MET C 138 1.48 -28.40 -2.32
CA MET C 138 1.98 -27.49 -3.38
C MET C 138 2.25 -26.08 -2.87
N GLY C 139 1.46 -25.53 -1.95
CA GLY C 139 1.66 -24.16 -1.46
C GLY C 139 2.85 -24.07 -0.52
N HIS C 140 3.25 -22.84 -0.21
CA HIS C 140 4.16 -22.60 0.95
C HIS C 140 3.35 -22.81 2.22
N HIS C 141 2.16 -22.25 2.28
CA HIS C 141 1.23 -22.46 3.41
C HIS C 141 0.30 -23.61 3.02
N MET C 142 0.16 -24.59 3.89
CA MET C 142 -0.58 -25.82 3.60
C MET C 142 -1.70 -26.05 4.62
N ILE C 143 -2.85 -26.54 4.16
CA ILE C 143 -3.90 -27.09 5.03
C ILE C 143 -3.56 -28.55 5.30
N ALA C 144 -3.22 -28.83 6.56
CA ALA C 144 -2.81 -30.17 6.99
C ALA C 144 -3.99 -30.96 7.55
N GLY C 145 -5.11 -30.29 7.84
CA GLY C 145 -6.25 -30.95 8.47
C GLY C 145 -7.33 -29.92 8.77
N GLY C 146 -8.44 -30.40 9.32
CA GLY C 146 -9.56 -29.55 9.70
C GLY C 146 -10.88 -30.17 9.32
N SER C 147 -11.89 -29.82 10.09
CA SER C 147 -13.22 -30.45 10.04
C SER C 147 -14.15 -29.67 9.12
N SER C 148 -15.35 -30.19 8.99
CA SER C 148 -16.46 -29.46 8.32
C SER C 148 -17.55 -29.26 9.37
N GLY C 149 -18.69 -28.73 8.96
CA GLY C 149 -19.82 -28.63 9.89
C GLY C 149 -19.71 -27.49 10.87
N GLU C 150 -18.81 -26.52 10.61
CA GLU C 150 -18.62 -25.34 11.47
C GLU C 150 -18.59 -24.08 10.60
N TRP C 151 -18.91 -22.96 11.19
CA TRP C 151 -18.60 -21.67 10.53
C TRP C 151 -17.10 -21.47 10.57
N PRO C 152 -16.58 -20.67 9.62
CA PRO C 152 -15.14 -20.40 9.60
C PRO C 152 -14.66 -19.79 10.93
N ASN C 153 -13.54 -20.35 11.41
CA ASN C 153 -12.88 -19.87 12.64
C ASN C 153 -11.44 -20.35 12.56
N ARG C 154 -10.51 -19.63 13.19
CA ARG C 154 -9.08 -20.00 13.06
C ARG C 154 -8.85 -21.43 13.52
N ALA C 155 -9.50 -21.84 14.61
CA ALA C 155 -9.26 -23.17 15.21
C ALA C 155 -9.73 -24.31 14.31
N LEU C 156 -10.56 -24.05 13.28
CA LEU C 156 -11.10 -25.08 12.40
C LEU C 156 -10.01 -25.73 11.53
N VAL C 157 -8.99 -24.95 11.17
CA VAL C 157 -8.04 -25.41 10.15
C VAL C 157 -6.69 -25.64 10.81
N ASP C 158 -6.03 -26.73 10.40
CA ASP C 158 -4.65 -27.03 10.85
C ASP C 158 -3.71 -26.54 9.75
N MET C 159 -2.96 -25.48 9.99
CA MET C 159 -2.03 -24.89 9.02
C MET C 159 -0.64 -25.47 9.27
N ALA C 160 0.08 -25.62 8.19
CA ALA C 160 1.47 -26.13 8.20
C ALA C 160 2.19 -25.53 7.02
N VAL C 161 3.49 -25.83 6.92
CA VAL C 161 4.33 -25.44 5.77
C VAL C 161 4.34 -26.59 4.77
N GLY C 162 4.10 -26.24 3.49
CA GLY C 162 4.17 -27.21 2.40
C GLY C 162 5.52 -27.12 1.71
N LEU C 163 5.58 -27.64 0.51
CA LEU C 163 6.84 -27.73 -0.25
C LEU C 163 7.07 -26.46 -1.09
N GLY C 164 6.15 -25.51 -1.18
CA GLY C 164 6.40 -24.19 -1.79
C GLY C 164 6.65 -24.28 -3.28
N ILE C 165 5.97 -25.20 -3.96
CA ILE C 165 6.00 -25.30 -5.44
C ILE C 165 5.30 -24.09 -6.05
N VAL C 166 4.14 -23.73 -5.50
CA VAL C 166 3.32 -22.56 -5.94
C VAL C 166 3.05 -21.71 -4.71
N PRO C 167 4.01 -20.88 -4.27
CA PRO C 167 3.89 -20.19 -3.01
C PRO C 167 2.73 -19.20 -2.88
N GLU C 168 2.12 -18.77 -3.98
CA GLU C 168 1.10 -17.72 -3.96
C GLU C 168 -0.32 -18.31 -3.73
N ILE C 169 -0.45 -19.63 -3.55
CA ILE C 169 -1.78 -20.28 -3.38
C ILE C 169 -1.84 -21.06 -2.08
N VAL C 170 -3.05 -21.35 -1.63
CA VAL C 170 -3.32 -22.37 -0.60
C VAL C 170 -4.32 -23.35 -1.21
N VAL C 171 -3.98 -24.61 -1.17
CA VAL C 171 -4.73 -25.71 -1.82
C VAL C 171 -5.57 -26.41 -0.80
N ASP C 172 -6.81 -26.68 -1.15
CA ASP C 172 -7.56 -27.73 -0.46
C ASP C 172 -8.03 -28.76 -1.51
N GLN C 173 -8.31 -29.95 -1.03
CA GLN C 173 -8.54 -31.11 -1.91
C GLN C 173 -9.73 -31.95 -1.36
N HIS C 174 -10.20 -32.88 -2.16
CA HIS C 174 -11.53 -33.55 -1.97
C HIS C 174 -12.59 -32.52 -1.59
N PHE C 175 -12.56 -31.36 -2.23
CA PHE C 175 -13.07 -30.10 -1.64
C PHE C 175 -14.59 -30.14 -1.37
N HIS C 176 -15.41 -30.16 -2.40
CA HIS C 176 -16.89 -30.23 -2.15
C HIS C 176 -17.28 -31.61 -1.62
N ASN C 177 -16.53 -32.64 -1.98
CA ASN C 177 -16.84 -34.04 -1.62
C ASN C 177 -16.81 -34.18 -0.10
N ARG C 178 -15.91 -33.46 0.57
CA ARG C 178 -15.76 -33.52 2.04
C ARG C 178 -16.16 -32.21 2.71
N ASN C 179 -16.87 -31.33 1.99
CA ASN C 179 -17.45 -30.10 2.57
C ASN C 179 -16.36 -29.25 3.21
N ARG C 180 -15.28 -29.02 2.50
CA ARG C 180 -14.11 -28.30 3.08
C ARG C 180 -14.11 -26.79 2.87
N MET C 181 -15.20 -26.18 2.42
CA MET C 181 -15.17 -24.73 2.19
C MET C 181 -14.83 -23.97 3.47
N ALA C 182 -15.40 -24.29 4.63
CA ALA C 182 -15.18 -23.44 5.83
C ALA C 182 -13.70 -23.51 6.23
N ARG C 183 -13.09 -24.69 6.13
CA ARG C 183 -11.65 -24.74 6.55
C ARG C 183 -10.80 -23.96 5.55
N LEU C 184 -11.14 -23.95 4.27
CA LEU C 184 -10.39 -23.12 3.28
C LEU C 184 -10.60 -21.63 3.56
N LEU C 185 -11.82 -21.18 3.84
CA LEU C 185 -12.08 -19.79 4.20
C LEU C 185 -11.28 -19.41 5.45
N SER C 186 -11.16 -20.35 6.41
CA SER C 186 -10.45 -20.09 7.67
C SER C 186 -8.96 -19.92 7.34
N ALA C 187 -8.43 -20.72 6.44
CA ALA C 187 -7.02 -20.63 5.98
C ALA C 187 -6.83 -19.27 5.31
N ILE C 188 -7.73 -18.86 4.42
CA ILE C 188 -7.56 -17.59 3.68
C ILE C 188 -7.67 -16.42 4.65
N SER C 189 -8.46 -16.51 5.70
CA SER C 189 -8.52 -15.46 6.72
C SER C 189 -7.15 -15.28 7.36
N THR C 190 -6.42 -16.37 7.55
CA THR C 190 -5.05 -16.34 8.17
C THR C 190 -4.05 -15.75 7.17
N HIS C 191 -4.24 -15.96 5.87
CA HIS C 191 -3.28 -15.59 4.78
C HIS C 191 -4.04 -14.99 3.60
N PRO C 192 -4.65 -13.79 3.73
CA PRO C 192 -5.54 -13.27 2.69
C PRO C 192 -4.80 -12.82 1.42
N GLU C 193 -3.46 -12.80 1.48
CA GLU C 193 -2.61 -12.55 0.28
C GLU C 193 -2.63 -13.75 -0.66
N LEU C 194 -3.02 -14.93 -0.18
CA LEU C 194 -2.91 -16.20 -0.95
C LEU C 194 -4.24 -16.45 -1.66
N LEU C 195 -4.18 -16.86 -2.89
CA LEU C 195 -5.40 -17.29 -3.61
C LEU C 195 -5.73 -18.69 -3.15
N GLY C 196 -6.95 -18.92 -2.68
CA GLY C 196 -7.35 -20.26 -2.29
C GLY C 196 -7.89 -21.05 -3.45
N LEU C 197 -7.48 -22.30 -3.57
CA LEU C 197 -7.98 -23.21 -4.62
C LEU C 197 -8.58 -24.42 -3.90
N GLY C 198 -9.89 -24.58 -4.02
CA GLY C 198 -10.56 -25.77 -3.48
C GLY C 198 -10.85 -26.72 -4.62
N ILE C 199 -10.16 -27.86 -4.66
CA ILE C 199 -10.19 -28.75 -5.83
C ILE C 199 -10.97 -30.00 -5.48
N ASP C 200 -12.02 -30.26 -6.25
CA ASP C 200 -12.84 -31.46 -6.02
C ASP C 200 -12.10 -32.75 -6.40
N GLU C 201 -12.67 -33.86 -5.95
CA GLU C 201 -12.20 -35.19 -6.40
C GLU C 201 -12.25 -35.28 -7.92
N ASP C 202 -11.26 -35.97 -8.51
CA ASP C 202 -11.13 -36.24 -9.94
C ASP C 202 -11.27 -34.96 -10.73
N THR C 203 -10.70 -33.90 -10.18
CA THR C 203 -10.60 -32.57 -10.81
C THR C 203 -9.17 -32.06 -10.63
N CYS C 204 -8.72 -31.22 -11.52
CA CYS C 204 -7.32 -30.76 -11.53
C CYS C 204 -7.26 -29.30 -11.90
N ALA C 205 -6.40 -28.54 -11.23
CA ALA C 205 -5.99 -27.20 -11.62
C ALA C 205 -4.60 -27.33 -12.22
N MET C 206 -4.47 -27.08 -13.51
CA MET C 206 -3.18 -27.21 -14.24
C MET C 206 -2.59 -25.83 -14.44
N PHE C 207 -1.47 -25.58 -13.75
CA PHE C 207 -0.77 -24.28 -13.81
C PHE C 207 0.18 -24.30 -15.00
N GLU C 208 0.01 -23.34 -15.90
CA GLU C 208 0.87 -23.16 -17.08
C GLU C 208 1.88 -22.02 -16.85
N ARG C 209 2.99 -22.05 -17.61
CA ARG C 209 4.08 -21.03 -17.46
C ARG C 209 3.58 -19.62 -17.80
N ASP C 210 2.52 -19.46 -18.62
CA ASP C 210 2.02 -18.11 -18.97
C ASP C 210 1.15 -17.50 -17.86
N GLY C 211 0.93 -18.18 -16.73
CA GLY C 211 0.13 -17.65 -15.63
C GLY C 211 -1.29 -18.19 -15.65
N SER C 212 -1.68 -18.90 -16.70
CA SER C 212 -3.05 -19.44 -16.78
C SER C 212 -3.14 -20.70 -15.92
N VAL C 213 -4.33 -20.97 -15.43
CA VAL C 213 -4.70 -22.16 -14.67
C VAL C 213 -5.86 -22.81 -15.43
N LYS C 214 -5.63 -23.95 -16.02
CA LYS C 214 -6.67 -24.67 -16.79
C LYS C 214 -7.32 -25.71 -15.88
N VAL C 215 -8.64 -25.78 -15.83
CA VAL C 215 -9.35 -26.78 -15.02
C VAL C 215 -9.65 -27.99 -15.90
N ILE C 216 -9.40 -29.18 -15.37
CA ILE C 216 -9.63 -30.46 -16.09
C ILE C 216 -10.38 -31.39 -15.14
N GLY C 217 -11.32 -32.20 -15.68
CA GLY C 217 -11.89 -33.28 -14.87
C GLY C 217 -13.36 -33.15 -14.57
N GLN C 218 -13.78 -33.81 -13.50
CA GLN C 218 -15.19 -34.22 -13.34
C GLN C 218 -15.96 -33.14 -12.57
N GLY C 219 -15.29 -32.39 -11.70
CA GLY C 219 -15.97 -31.52 -10.75
C GLY C 219 -15.59 -30.07 -10.94
N THR C 220 -15.32 -29.41 -9.86
CA THR C 220 -15.05 -27.96 -9.87
C THR C 220 -13.74 -27.63 -9.15
N VAL C 221 -13.22 -26.48 -9.52
CA VAL C 221 -12.17 -25.80 -8.71
C VAL C 221 -12.75 -24.46 -8.27
N SER C 222 -12.69 -24.22 -6.97
CA SER C 222 -13.17 -22.96 -6.35
C SER C 222 -11.95 -22.06 -6.14
N PHE C 223 -11.90 -20.91 -6.77
CA PHE C 223 -10.88 -19.86 -6.58
C PHE C 223 -11.46 -18.85 -5.61
N VAL C 224 -10.86 -18.74 -4.42
CA VAL C 224 -11.38 -17.92 -3.31
C VAL C 224 -10.36 -16.81 -3.10
N ASP C 225 -10.73 -15.58 -3.41
CA ASP C 225 -9.80 -14.43 -3.49
C ASP C 225 -10.20 -13.39 -2.48
N ALA C 226 -9.35 -13.22 -1.48
CA ALA C 226 -9.52 -12.20 -0.42
C ALA C 226 -8.53 -11.05 -0.63
N ARG C 227 -7.91 -10.95 -1.77
CA ARG C 227 -6.90 -9.86 -2.00
C ARG C 227 -7.58 -8.49 -2.05
N ASP C 228 -8.88 -8.37 -2.33
CA ASP C 228 -9.63 -7.09 -2.38
C ASP C 228 -10.63 -7.03 -1.20
N MET C 229 -10.38 -7.78 -0.13
CA MET C 229 -11.28 -7.80 1.04
C MET C 229 -11.38 -6.38 1.60
N SER C 230 -12.59 -5.95 1.90
CA SER C 230 -12.87 -4.59 2.42
C SER C 230 -12.73 -4.57 3.93
N TYR C 231 -12.96 -5.69 4.59
CA TYR C 231 -12.96 -5.77 6.06
C TYR C 231 -12.90 -7.23 6.47
N THR C 232 -12.18 -7.49 7.55
CA THR C 232 -12.30 -8.78 8.28
C THR C 232 -12.19 -8.47 9.77
N ASN C 233 -12.85 -9.28 10.57
CA ASN C 233 -12.73 -9.18 12.05
C ASN C 233 -11.52 -9.99 12.52
N ALA C 234 -10.72 -10.59 11.67
CA ALA C 234 -9.75 -11.66 12.05
C ALA C 234 -8.84 -11.12 13.17
N ALA C 235 -8.39 -9.86 13.08
CA ALA C 235 -7.47 -9.22 14.05
C ALA C 235 -8.13 -9.01 15.41
N LEU C 236 -9.46 -9.01 15.50
CA LEU C 236 -10.24 -8.56 16.64
C LEU C 236 -10.73 -9.72 17.50
N VAL C 237 -10.74 -10.95 16.98
CA VAL C 237 -11.51 -12.06 17.62
C VAL C 237 -10.60 -13.20 18.00
N GLY C 238 -11.12 -14.05 18.87
CA GLY C 238 -10.41 -15.20 19.38
C GLY C 238 -10.34 -16.34 18.39
N ALA C 239 -9.57 -17.35 18.72
CA ALA C 239 -9.28 -18.47 17.83
C ALA C 239 -10.54 -19.30 17.49
N ASN C 240 -11.54 -19.32 18.36
CA ASN C 240 -12.73 -20.16 18.19
C ASN C 240 -13.92 -19.34 17.72
N ALA C 241 -13.75 -18.06 17.53
CA ALA C 241 -14.84 -17.10 17.21
C ALA C 241 -15.11 -17.13 15.71
N PRO C 242 -16.35 -16.84 15.29
CA PRO C 242 -16.61 -16.81 13.86
C PRO C 242 -15.89 -15.65 13.17
N LEU C 243 -15.42 -15.95 11.95
CA LEU C 243 -14.67 -14.98 11.13
C LEU C 243 -15.65 -14.27 10.18
N SER C 244 -15.45 -13.00 10.00
CA SER C 244 -16.14 -12.25 8.92
C SER C 244 -15.09 -11.93 7.85
N LEU C 245 -15.54 -11.93 6.61
CA LEU C 245 -14.69 -11.74 5.42
C LEU C 245 -15.59 -10.97 4.45
N HIS C 246 -15.31 -9.70 4.21
CA HIS C 246 -16.18 -8.87 3.33
C HIS C 246 -15.48 -8.65 1.99
N ASN C 247 -16.26 -8.72 0.91
CA ASN C 247 -15.81 -8.43 -0.47
C ASN C 247 -14.85 -9.50 -0.96
N LEU C 248 -15.17 -10.78 -0.73
CA LEU C 248 -14.43 -11.89 -1.34
C LEU C 248 -14.89 -12.06 -2.78
N ARG C 249 -13.99 -12.46 -3.64
CA ARG C 249 -14.31 -12.85 -5.03
C ARG C 249 -14.23 -14.35 -5.12
N LEU C 250 -15.27 -14.96 -5.69
CA LEU C 250 -15.36 -16.41 -5.79
C LEU C 250 -15.55 -16.73 -7.26
N ASN C 251 -14.74 -17.64 -7.75
CA ASN C 251 -14.88 -18.16 -9.12
C ASN C 251 -14.92 -19.67 -9.04
N ILE C 252 -16.00 -20.28 -9.47
CA ILE C 252 -16.14 -21.75 -9.45
C ILE C 252 -16.05 -22.20 -10.89
N LEU C 253 -15.03 -22.95 -11.22
CA LEU C 253 -14.71 -23.34 -12.61
C LEU C 253 -14.89 -24.84 -12.79
N VAL C 254 -15.17 -25.20 -14.06
CA VAL C 254 -15.26 -26.60 -14.49
C VAL C 254 -14.30 -26.85 -15.62
N HIS C 255 -14.32 -28.12 -16.09
CA HIS C 255 -13.43 -28.59 -17.16
C HIS C 255 -13.43 -27.63 -18.34
N GLY C 256 -12.26 -27.23 -18.78
CA GLY C 256 -12.06 -26.40 -19.98
C GLY C 256 -11.99 -24.92 -19.69
N GLU C 257 -12.38 -24.51 -18.49
CA GLU C 257 -12.35 -23.09 -18.09
C GLU C 257 -10.95 -22.73 -17.57
N VAL C 258 -10.66 -21.46 -17.56
CA VAL C 258 -9.30 -20.95 -17.23
C VAL C 258 -9.41 -19.83 -16.23
N TYR C 259 -8.54 -19.87 -15.23
CA TYR C 259 -8.32 -18.70 -14.35
C TYR C 259 -6.96 -18.10 -14.72
N HIS C 260 -6.91 -16.83 -15.05
CA HIS C 260 -5.64 -16.19 -15.42
C HIS C 260 -5.08 -15.47 -14.20
N GLN C 261 -3.94 -15.92 -13.71
CA GLN C 261 -3.37 -15.37 -12.45
C GLN C 261 -2.94 -13.91 -12.64
N VAL C 262 -2.50 -13.52 -13.82
CA VAL C 262 -2.05 -12.10 -14.00
C VAL C 262 -3.27 -11.19 -14.04
N LYS C 263 -4.28 -11.60 -14.81
CA LYS C 263 -5.52 -10.82 -14.95
C LYS C 263 -6.38 -10.91 -13.69
N GLN C 264 -6.20 -11.93 -12.86
CA GLN C 264 -7.00 -12.20 -11.64
C GLN C 264 -8.47 -12.36 -12.04
N ARG C 265 -8.73 -13.09 -13.12
CA ARG C 265 -10.11 -13.28 -13.60
C ARG C 265 -10.23 -14.62 -14.31
N ALA C 266 -11.44 -15.17 -14.32
CA ALA C 266 -11.74 -16.45 -14.99
C ALA C 266 -12.40 -16.20 -16.35
N PHE C 267 -12.27 -17.19 -17.20
CA PHE C 267 -12.75 -17.20 -18.60
C PHE C 267 -13.35 -18.55 -18.91
N PRO C 268 -14.36 -18.56 -19.79
CA PRO C 268 -14.91 -19.82 -20.25
C PRO C 268 -14.05 -20.59 -21.29
N2 7ID D . -13.76 29.37 -3.05
CA2 7ID D . -13.76 29.90 -1.67
CO2 7ID D . -13.09 28.85 -0.78
O2 7ID D . -12.94 27.69 -1.13
CB2 7ID D . -15.18 30.19 -1.17
CA 7ID E . -12.23 28.46 1.47
N 7ID E . -12.72 29.33 0.41
CB 7ID E . -10.85 28.83 1.98
CG 7ID E . -9.82 28.76 0.88
N2 7ID E . -9.08 29.84 0.71
CA2 7ID E . -7.98 29.88 -0.23
CO2 7ID E . -6.80 29.03 0.25
O2 7ID E . -6.79 28.69 1.49
OX2 7ID E . -5.90 28.76 -0.63
CB2 7ID E . -7.56 31.32 -0.51
CG2 7ID E . -8.68 32.09 -1.19
CD2 7ID E . -8.60 32.02 -2.71
NE2 7ID E . -7.62 32.99 -3.20
CZ2 7ID E . -7.83 33.89 -4.15
NH1 7ID E . -7.95 35.17 -3.86
NH2 7ID E . -7.88 33.50 -5.42
OD1 7ID E . -9.66 27.73 0.22
C 7ID E . -13.15 28.53 2.67
O 7ID E . -13.64 29.60 2.99
S SO4 F . -12.63 28.56 32.56
O1 SO4 F . -12.28 27.82 33.77
O2 SO4 F . -14.01 29.02 32.71
O3 SO4 F . -12.55 27.67 31.45
O4 SO4 F . -11.74 29.69 32.34
CO2 7ID G . 2.70 6.82 -15.94
O2 7ID G . 2.61 7.94 -15.45
CA 7ID H . 4.12 6.03 -14.13
N 7ID H . 3.30 5.80 -15.32
CB 7ID H . 3.70 5.14 -12.95
CG 7ID H . 2.28 5.43 -12.52
N2 7ID H . 1.51 4.36 -12.40
CA2 7ID H . 0.11 4.48 -12.00
CO2 7ID H . 0.05 4.84 -10.52
O2 7ID H . -1.11 5.23 -10.08
OX2 7ID H . 1.14 4.65 -9.81
CB2 7ID H . -0.71 3.25 -12.33
CG2 7ID H . -1.44 3.38 -13.65
CD2 7ID H . -0.55 3.95 -14.74
NE2 7ID H . -1.07 3.75 -16.10
CZ2 7ID H . -0.33 3.91 -17.19
NH1 7ID H . 0.73 4.70 -17.15
NH2 7ID H . -0.63 3.27 -18.31
OD1 7ID H . 1.90 6.59 -12.28
C 7ID H . 5.58 5.72 -14.40
O 7ID H . 5.87 4.76 -15.11
N ARF I . 28.19 0.96 -26.04
C ARF I . 27.56 2.14 -26.04
O ARF I . 28.02 3.06 -25.31
N ARF J . 1.25 -7.80 -9.19
C ARF J . 0.18 -8.45 -8.68
O ARF J . -0.17 -8.44 -7.49
N ARF K . 23.23 -4.53 -5.58
C ARF K . 23.00 -3.43 -4.81
O ARF K . 22.51 -3.59 -3.66
N ARF L . -3.64 -1.32 18.54
C ARF L . -4.04 -0.20 18.00
O ARF L . -3.28 0.34 17.20
N ARF M . -8.93 -3.92 8.60
C ARF M . -10.03 -4.64 8.74
O ARF M . -10.09 -5.48 7.86
CO2 7ID N . -6.86 -39.36 2.61
O2 7ID N . -8.03 -39.25 2.26
CA 7ID O . -6.16 -37.47 1.27
N 7ID O . -5.88 -38.54 2.22
CB 7ID O . -5.75 -36.11 1.83
CG 7ID O . -6.49 -35.77 3.11
N2 7ID O . -5.74 -35.46 4.16
CA2 7ID O . -6.31 -35.05 5.42
CO2 7ID O . -6.91 -33.64 5.32
O2 7ID O . -7.64 -33.28 6.31
OX2 7ID O . -6.59 -32.92 4.29
CB2 7ID O . -5.32 -35.15 6.59
CG2 7ID O . -5.45 -36.46 7.35
CD2 7ID O . -5.02 -37.70 6.57
NE2 7ID O . -5.62 -38.94 7.06
CZ2 7ID O . -5.25 -39.59 8.16
NH1 7ID O . -5.68 -39.17 9.34
NH2 7ID O . -4.47 -40.65 8.07
OD1 7ID O . -7.72 -35.76 3.15
C 7ID O . -5.35 -37.64 -0.01
O 7ID O . -4.19 -38.05 0.04
N ARF P . 7.55 -26.79 -14.86
C ARF P . 6.30 -26.22 -15.07
O ARF P . 6.07 -25.02 -14.74
N ARF Q . -6.14 -40.93 -5.77
C ARF Q . -5.94 -40.54 -4.43
O ARF Q . -6.75 -39.89 -3.69
#